data_7WSA
#
_entry.id   7WSA
#
_cell.length_a   1.00
_cell.length_b   1.00
_cell.length_c   1.00
_cell.angle_alpha   90.00
_cell.angle_beta   90.00
_cell.angle_gamma   90.00
#
_symmetry.space_group_name_H-M   'P 1'
#
loop_
_entity.id
_entity.type
_entity.pdbx_description
1 polymer 'Spike protein S1'
2 polymer 'Processed angiotensin-converting enzyme 2'
3 non-polymer 2-acetamido-2-deoxy-beta-D-glucopyranose
#
loop_
_entity_poly.entity_id
_entity_poly.type
_entity_poly.pdbx_seq_one_letter_code
_entity_poly.pdbx_strand_id
1 'polypeptide(L)'
;PNITNLCPFDEVFNATRFASVYAWNRKRISNCVADYSVLYNLAPFFTFKCYGVSPTKLNDLCFTNVYADSFVIRGDEVRQ
IAPGQTGNIADYNYKLPDDFTGCVIAWNSNKLDSKVSGNYNYLYRLFRKSNLKPFERDISTEIYQAGNKPCNGVAGFNCY
FPLRSYSFRPTYGVGHQPYRVVVLSFELLHAPATVCGPKKS
;
A
2 'polypeptide(L)'
;STIEEQAKTFLDKFNHEAEDLFYQSSLASWNYNTNITEENVQNMNNAGDKWSAFLKEQSTLAQMYPLQEIQNLTVKLQLQ
ALQQNGSSVLSEDKSKRLNTILNTMSTIYSTGKVCNPDNPQECLLLEPGLNEIMANSLDYNERLWAWESWRSEVGKQLRP
LYEEYVVLKNEMARANHYEDYGDYWRGDYEVNGVDGYDYSRGQLIEDVEHTFEEIKPLYEHLHAYVRAKLMNAYPSYISP
IGCLPAHLLGDMWGRFWTNLYSLTVPFGQKPNIDVTDAMVDQAWDAQRIFKEAEKFFVSVGLPNMTQGFWENSMLTDPGN
VQKAVCHPTAWDLGKGDFRILMCTKVTMDDFLTAHHEMGHIQYDMAYAAQPFLLRNGANEGFHEAVGEIMSLSAATPKHL
KSIGLLSPDFQEDNETEINFLLKQALTIVGTLPFTYMLEKWRWMVFKGEIPKDQWMKKWWEMKREIVGVVEPVPHDETYC
DPASLFHVSNDYSFIRYYTRTLYQFQFQEALCQAAKHEGPLHKCDISNSTEAGQKLFNMLRLGKSEPWTLALENVVGAKN
MNVRPLLNYFEPLFTWLKDQNKNSFVGWSTDWSPY
;
D
#
loop_
_chem_comp.id
_chem_comp.type
_chem_comp.name
_chem_comp.formula
NAG D-saccharide, beta linking 2-acetamido-2-deoxy-beta-D-glucopyranose 'C8 H15 N O6'
#
# COMPACT_ATOMS: atom_id res chain seq x y z
N PRO A 1 53.06 27.11 27.12
CA PRO A 1 53.87 27.75 26.07
C PRO A 1 53.16 27.82 24.72
N ASN A 2 53.85 28.38 23.74
CA ASN A 2 53.27 28.58 22.41
C ASN A 2 53.12 27.24 21.71
N ILE A 3 51.91 26.97 21.22
CA ILE A 3 51.53 25.62 20.80
C ILE A 3 51.53 25.57 19.27
N THR A 4 51.98 24.42 18.77
CA THR A 4 51.92 24.17 17.32
C THR A 4 51.76 22.67 17.16
N ASN A 5 52.07 22.16 15.99
CA ASN A 5 52.06 20.72 15.70
C ASN A 5 50.71 20.08 16.09
N LEU A 6 49.67 20.55 15.41
CA LEU A 6 48.33 20.03 15.64
C LEU A 6 48.22 18.60 15.11
N CYS A 7 47.33 17.83 15.74
CA CYS A 7 47.12 16.46 15.31
C CYS A 7 46.44 16.44 13.93
N PRO A 8 46.77 15.49 13.06
CA PRO A 8 46.21 15.49 11.69
C PRO A 8 44.78 14.96 11.65
N PHE A 9 43.87 15.71 12.28
CA PHE A 9 42.44 15.40 12.19
C PHE A 9 41.82 15.81 10.86
N ASP A 10 42.44 16.73 10.12
CA ASP A 10 41.91 17.10 8.81
C ASP A 10 42.04 15.99 7.78
N GLU A 11 43.11 15.18 7.86
CA GLU A 11 43.22 14.06 6.93
C GLU A 11 42.25 12.94 7.26
N VAL A 12 41.76 12.88 8.50
CA VAL A 12 40.80 11.86 8.90
C VAL A 12 39.37 12.31 8.65
N PHE A 13 39.05 13.52 9.08
CA PHE A 13 37.67 13.99 9.04
C PHE A 13 37.33 14.55 7.67
N ASN A 14 38.20 15.38 7.11
CA ASN A 14 37.94 16.03 5.83
C ASN A 14 38.53 15.27 4.66
N ALA A 15 38.64 13.95 4.76
CA ALA A 15 39.04 13.14 3.62
C ALA A 15 37.94 13.09 2.57
N THR A 16 38.34 12.93 1.31
CA THR A 16 37.38 12.90 0.22
C THR A 16 36.61 11.58 0.20
N ARG A 17 37.29 10.48 0.53
CA ARG A 17 36.70 9.14 0.44
C ARG A 17 37.01 8.36 1.70
N PHE A 18 35.98 7.73 2.27
CA PHE A 18 36.15 6.83 3.39
C PHE A 18 36.11 5.38 2.92
N ALA A 19 36.61 4.50 3.76
CA ALA A 19 36.64 3.08 3.46
C ALA A 19 35.30 2.42 3.77
N SER A 20 35.15 1.18 3.30
CA SER A 20 33.98 0.41 3.60
C SER A 20 34.01 -0.04 5.06
N VAL A 21 32.85 -0.47 5.56
CA VAL A 21 32.78 -0.83 6.98
C VAL A 21 33.47 -2.16 7.24
N TYR A 22 33.52 -3.05 6.25
CA TYR A 22 34.24 -4.30 6.45
C TYR A 22 35.75 -4.08 6.46
N ALA A 23 36.25 -3.23 5.58
CA ALA A 23 37.67 -2.83 5.57
C ALA A 23 37.84 -1.45 6.17
N TRP A 24 37.51 -1.32 7.44
CA TRP A 24 37.49 -0.01 8.10
C TRP A 24 38.91 0.51 8.29
N ASN A 25 39.11 1.79 7.98
CA ASN A 25 40.44 2.38 8.10
C ASN A 25 40.81 2.67 9.55
N ARG A 26 42.04 2.32 9.92
CA ARG A 26 42.59 2.63 11.25
C ARG A 26 43.80 3.54 11.09
N LYS A 27 43.74 4.73 11.68
CA LYS A 27 44.85 5.68 11.67
C LYS A 27 45.33 5.90 13.10
N ARG A 28 46.63 5.71 13.33
CA ARG A 28 47.18 5.96 14.66
C ARG A 28 47.61 7.41 14.78
N ILE A 29 47.33 7.99 15.95
CA ILE A 29 47.60 9.38 16.26
C ILE A 29 48.50 9.43 17.48
N SER A 30 49.68 10.03 17.32
CA SER A 30 50.69 10.07 18.35
C SER A 30 51.45 11.40 18.31
N ASN A 31 52.07 11.71 19.43
CA ASN A 31 53.00 12.84 19.59
C ASN A 31 52.52 14.13 18.91
N CYS A 32 51.26 14.49 19.15
CA CYS A 32 50.75 15.77 18.67
C CYS A 32 49.78 16.34 19.70
N VAL A 33 49.29 17.54 19.43
CA VAL A 33 48.29 18.19 20.27
C VAL A 33 46.91 18.03 19.62
N ALA A 34 45.96 17.53 20.39
CA ALA A 34 44.66 17.11 19.89
C ALA A 34 43.59 18.08 20.38
N ASP A 35 43.11 18.94 19.49
CA ASP A 35 42.09 19.93 19.84
C ASP A 35 40.74 19.29 19.49
N TYR A 36 40.08 18.75 20.51
CA TYR A 36 38.74 18.18 20.37
C TYR A 36 37.63 19.21 20.32
N SER A 37 37.92 20.48 20.60
CA SER A 37 36.88 21.51 20.63
C SER A 37 36.34 21.83 19.24
N VAL A 38 37.10 21.51 18.19
CA VAL A 38 36.60 21.70 16.83
C VAL A 38 35.46 20.72 16.53
N LEU A 39 35.60 19.47 16.95
CA LEU A 39 34.60 18.46 16.64
C LEU A 39 33.28 18.72 17.36
N TYR A 40 33.35 19.23 18.59
CA TYR A 40 32.12 19.48 19.33
C TYR A 40 31.36 20.66 18.74
N ASN A 41 32.07 21.64 18.19
CA ASN A 41 31.51 22.93 17.80
C ASN A 41 31.03 22.94 16.35
N LEU A 42 31.08 21.83 15.63
CA LEU A 42 30.55 21.74 14.28
C LEU A 42 29.15 21.14 14.35
N ALA A 43 28.17 21.90 13.86
CA ALA A 43 26.75 21.56 13.87
C ALA A 43 26.36 20.45 12.90
N PRO A 44 26.99 20.30 11.73
CA PRO A 44 26.70 19.12 10.91
C PRO A 44 27.03 17.81 11.58
N PHE A 45 27.97 17.79 12.52
CA PHE A 45 28.30 16.55 13.24
C PHE A 45 27.24 16.34 14.31
N PHE A 46 26.16 15.67 13.93
CA PHE A 46 24.97 15.67 14.78
C PHE A 46 25.17 14.80 16.02
N THR A 47 25.67 13.59 15.83
CA THR A 47 25.79 12.61 16.90
C THR A 47 27.20 12.62 17.48
N PHE A 48 27.32 12.99 18.75
CA PHE A 48 28.59 12.93 19.46
C PHE A 48 28.39 12.09 20.71
N LYS A 49 28.20 10.79 20.51
CA LYS A 49 28.01 9.85 21.61
C LYS A 49 29.38 9.39 22.11
N CYS A 50 29.78 9.87 23.28
CA CYS A 50 31.08 9.55 23.87
C CYS A 50 30.90 8.63 25.07
N TYR A 51 31.67 7.55 25.10
CA TYR A 51 31.57 6.52 26.12
C TYR A 51 32.90 6.38 26.86
N GLY A 52 32.83 6.30 28.18
CA GLY A 52 34.00 6.06 29.01
C GLY A 52 34.81 7.29 29.35
N VAL A 53 34.39 8.47 28.90
CA VAL A 53 35.09 9.72 29.15
C VAL A 53 34.11 10.86 28.87
N SER A 54 34.21 11.93 29.66
CA SER A 54 33.22 12.95 29.38
C SER A 54 33.70 13.86 28.26
N PRO A 55 32.80 14.30 27.37
CA PRO A 55 33.21 15.21 26.29
C PRO A 55 33.68 16.57 26.76
N THR A 56 33.25 17.03 27.95
CA THR A 56 33.71 18.34 28.40
C THR A 56 35.16 18.28 28.86
N LYS A 57 35.53 17.17 29.49
CA LYS A 57 36.87 16.98 30.05
C LYS A 57 37.77 16.22 29.10
N LEU A 58 37.39 16.11 27.83
CA LEU A 58 38.28 15.49 26.86
C LEU A 58 39.53 16.32 26.61
N ASN A 59 39.45 17.65 26.72
CA ASN A 59 40.60 18.50 26.42
C ASN A 59 41.70 18.48 27.48
N ASP A 60 41.43 18.01 28.71
CA ASP A 60 42.48 18.02 29.73
C ASP A 60 43.13 16.64 29.94
N LEU A 61 42.36 15.55 29.97
CA LEU A 61 42.96 14.23 30.13
C LEU A 61 43.77 13.91 28.89
N CYS A 62 45.02 13.53 29.11
CA CYS A 62 45.99 13.17 28.09
C CYS A 62 46.17 11.67 27.99
N PHE A 63 46.27 11.18 26.76
CA PHE A 63 46.34 9.75 26.48
C PHE A 63 47.59 9.43 25.68
N THR A 64 47.96 8.15 25.69
CA THR A 64 49.16 7.69 25.01
C THR A 64 48.97 7.59 23.49
N ASN A 65 47.86 7.01 23.05
CA ASN A 65 47.64 6.82 21.62
C ASN A 65 46.16 7.03 21.29
N VAL A 66 45.90 7.55 20.10
CA VAL A 66 44.53 7.76 19.65
C VAL A 66 44.33 7.00 18.34
N TYR A 67 43.35 6.11 18.32
CA TYR A 67 43.04 5.31 17.14
C TYR A 67 41.79 5.88 16.49
N ALA A 68 41.91 6.27 15.23
CA ALA A 68 40.79 6.81 14.48
C ALA A 68 40.36 5.78 13.45
N ASP A 69 39.25 5.09 13.74
CA ASP A 69 38.68 4.11 12.82
C ASP A 69 37.58 4.79 12.03
N SER A 70 37.69 4.78 10.71
CA SER A 70 36.81 5.52 9.84
C SER A 70 36.15 4.59 8.84
N PHE A 71 34.83 4.74 8.68
CA PHE A 71 34.06 3.92 7.76
C PHE A 71 32.75 4.65 7.45
N VAL A 72 31.94 4.01 6.60
CA VAL A 72 30.65 4.55 6.16
C VAL A 72 29.59 3.49 6.34
N ILE A 73 28.50 3.83 7.03
CA ILE A 73 27.39 2.89 7.19
C ILE A 73 26.09 3.62 6.87
N ARG A 74 24.96 2.96 7.09
CA ARG A 74 23.68 3.60 6.82
C ARG A 74 23.23 4.35 8.07
N GLY A 75 22.04 4.95 7.99
CA GLY A 75 21.51 5.66 9.14
C GLY A 75 21.04 4.74 10.26
N ASP A 76 20.39 3.63 9.91
CA ASP A 76 19.82 2.76 10.95
C ASP A 76 20.88 1.99 11.73
N GLU A 77 22.10 1.84 11.21
CA GLU A 77 23.12 1.08 11.93
C GLU A 77 24.13 1.97 12.63
N VAL A 78 23.86 3.27 12.73
CA VAL A 78 24.72 4.13 13.55
C VAL A 78 24.62 3.75 15.01
N ARG A 79 23.43 3.36 15.47
CA ARG A 79 23.27 2.98 16.87
C ARG A 79 23.97 1.68 17.20
N GLN A 80 24.33 0.87 16.20
CA GLN A 80 25.05 -0.37 16.44
C GLN A 80 26.54 -0.18 16.67
N ILE A 81 27.10 1.00 16.44
CA ILE A 81 28.51 1.26 16.78
C ILE A 81 28.48 1.74 18.23
N ALA A 82 28.40 0.78 19.13
CA ALA A 82 28.26 1.01 20.57
C ALA A 82 28.52 -0.31 21.29
N PRO A 83 28.91 -0.25 22.56
CA PRO A 83 29.05 -1.49 23.34
C PRO A 83 27.72 -2.19 23.62
N GLY A 84 27.73 -3.51 23.45
CA GLY A 84 26.64 -4.42 23.77
C GLY A 84 25.50 -4.59 22.78
N GLN A 85 25.59 -3.99 21.60
CA GLN A 85 24.55 -4.12 20.57
C GLN A 85 24.89 -5.24 19.60
N THR A 86 23.90 -5.66 18.84
CA THR A 86 24.06 -6.78 17.92
C THR A 86 23.40 -6.43 16.60
N GLY A 87 23.76 -7.18 15.56
CA GLY A 87 23.28 -6.95 14.22
C GLY A 87 24.35 -7.36 13.23
N ASN A 88 24.14 -6.99 11.97
CA ASN A 88 25.13 -7.31 10.95
C ASN A 88 26.43 -6.54 11.15
N ILE A 89 26.34 -5.26 11.53
CA ILE A 89 27.54 -4.45 11.68
C ILE A 89 28.31 -4.84 12.93
N ALA A 90 27.59 -5.09 14.02
CA ALA A 90 28.26 -5.40 15.28
C ALA A 90 28.87 -6.79 15.25
N ASP A 91 28.15 -7.76 14.67
CA ASP A 91 28.66 -9.12 14.62
C ASP A 91 29.74 -9.30 13.56
N TYR A 92 29.57 -8.73 12.36
CA TYR A 92 30.36 -9.16 11.22
C TYR A 92 31.31 -8.10 10.67
N ASN A 93 31.11 -6.82 10.98
CA ASN A 93 31.92 -5.78 10.36
C ASN A 93 32.80 -5.03 11.35
N TYR A 94 32.23 -4.46 12.40
CA TYR A 94 33.00 -3.68 13.37
C TYR A 94 32.40 -3.89 14.76
N LYS A 95 33.18 -4.47 15.66
CA LYS A 95 32.70 -4.78 17.00
C LYS A 95 33.45 -3.91 18.01
N LEU A 96 32.69 -3.27 18.90
CA LEU A 96 33.22 -2.46 19.99
C LEU A 96 33.20 -3.24 21.30
N PRO A 97 34.25 -3.11 22.10
CA PRO A 97 34.26 -3.76 23.42
C PRO A 97 33.30 -3.07 24.38
N ASP A 98 32.94 -3.80 25.44
CA ASP A 98 32.06 -3.24 26.46
C ASP A 98 32.77 -2.19 27.30
N ASP A 99 34.06 -2.38 27.57
CA ASP A 99 34.86 -1.41 28.31
C ASP A 99 35.58 -0.46 27.35
N PHE A 100 34.80 0.24 26.55
CA PHE A 100 35.33 1.06 25.47
C PHE A 100 35.55 2.48 25.94
N THR A 101 36.80 2.93 25.89
CA THR A 101 37.19 4.27 26.33
C THR A 101 37.45 5.12 25.08
N GLY A 102 36.47 5.92 24.71
CA GLY A 102 36.57 6.72 23.50
C GLY A 102 35.20 7.13 23.02
N CYS A 103 35.19 8.05 22.05
CA CYS A 103 33.95 8.61 21.54
C CYS A 103 33.72 8.15 20.11
N VAL A 104 32.45 8.20 19.69
CA VAL A 104 32.07 7.94 18.31
C VAL A 104 31.49 9.23 17.73
N ILE A 105 31.76 9.48 16.46
CA ILE A 105 31.29 10.67 15.76
C ILE A 105 30.65 10.21 14.45
N ALA A 106 29.42 10.66 14.18
CA ALA A 106 28.75 10.25 12.96
C ALA A 106 28.04 11.45 12.36
N TRP A 107 28.07 11.56 11.04
CA TRP A 107 27.33 12.64 10.41
C TRP A 107 26.80 12.20 9.05
N ASN A 108 25.72 12.84 8.63
CA ASN A 108 25.12 12.55 7.33
C ASN A 108 26.01 13.06 6.20
N SER A 109 26.14 12.24 5.16
CA SER A 109 26.91 12.61 3.98
C SER A 109 26.15 12.24 2.72
N ASN A 110 24.87 12.61 2.65
CA ASN A 110 24.06 12.30 1.48
C ASN A 110 24.50 13.11 0.26
N LYS A 111 25.04 14.31 0.48
CA LYS A 111 25.44 15.15 -0.64
C LYS A 111 26.72 14.66 -1.30
N LEU A 112 27.56 13.95 -0.54
CA LEU A 112 28.87 13.50 -0.99
C LEU A 112 28.87 12.05 -1.48
N ASP A 113 28.20 11.16 -0.76
CA ASP A 113 28.34 9.72 -0.94
C ASP A 113 27.20 9.09 -1.72
N SER A 114 26.35 9.89 -2.35
CA SER A 114 25.19 9.38 -3.07
C SER A 114 25.19 9.87 -4.51
N LYS A 115 24.86 8.97 -5.44
CA LYS A 115 24.78 9.29 -6.86
C LYS A 115 23.40 8.90 -7.37
N VAL A 116 22.97 9.58 -8.43
CA VAL A 116 21.63 9.34 -8.97
C VAL A 116 21.51 7.91 -9.50
N SER A 117 22.53 7.43 -10.20
CA SER A 117 22.52 6.04 -10.64
C SER A 117 22.55 5.10 -9.44
N GLY A 118 23.31 5.47 -8.40
CA GLY A 118 23.48 4.66 -7.22
C GLY A 118 24.94 4.37 -6.98
N ASN A 119 25.37 4.40 -5.73
CA ASN A 119 26.76 4.16 -5.38
C ASN A 119 26.95 2.71 -4.96
N TYR A 120 27.88 2.02 -5.60
CA TYR A 120 28.12 0.61 -5.32
C TYR A 120 29.55 0.37 -4.83
N ASN A 121 30.31 1.44 -4.62
CA ASN A 121 31.68 1.34 -4.11
C ASN A 121 31.76 1.03 -2.63
N TYR A 122 30.64 0.97 -1.92
CA TYR A 122 30.62 0.69 -0.49
C TYR A 122 29.99 -0.67 -0.26
N LEU A 123 30.69 -1.54 0.47
CA LEU A 123 30.25 -2.91 0.66
C LEU A 123 30.27 -3.25 2.15
N TYR A 124 29.37 -4.14 2.55
CA TYR A 124 29.39 -4.69 3.89
C TYR A 124 29.26 -6.20 3.83
N ARG A 125 29.87 -6.87 4.79
CA ARG A 125 29.81 -8.33 4.87
C ARG A 125 28.54 -8.76 5.56
N LEU A 126 27.75 -9.61 4.89
CA LEU A 126 26.45 -10.03 5.41
C LEU A 126 26.47 -11.38 6.12
N PHE A 127 27.35 -12.31 5.75
CA PHE A 127 27.35 -13.65 6.33
C PHE A 127 28.75 -14.02 6.79
N ARG A 128 28.88 -14.35 8.09
CA ARG A 128 30.10 -14.90 8.64
C ARG A 128 29.75 -16.11 9.51
N LYS A 129 30.64 -17.10 9.50
CA LYS A 129 30.46 -18.30 10.32
C LYS A 129 30.48 -18.02 11.83
N SER A 130 31.35 -17.12 12.28
CA SER A 130 31.43 -16.79 13.70
C SER A 130 31.38 -15.30 13.93
N ASN A 131 30.90 -14.90 15.11
CA ASN A 131 30.91 -13.49 15.46
C ASN A 131 32.34 -13.00 15.68
N LEU A 132 32.56 -11.72 15.38
CA LEU A 132 33.89 -11.16 15.38
C LEU A 132 34.41 -10.86 16.79
N LYS A 133 35.73 -10.93 16.94
CA LYS A 133 36.38 -10.43 18.13
C LYS A 133 36.37 -8.90 18.11
N PRO A 134 36.52 -8.26 19.26
CA PRO A 134 36.61 -6.78 19.26
C PRO A 134 37.82 -6.25 18.51
N PHE A 135 37.58 -5.21 17.73
CA PHE A 135 38.59 -4.55 16.88
C PHE A 135 39.29 -5.53 15.93
N GLU A 136 38.55 -6.46 15.35
CA GLU A 136 39.12 -7.38 14.37
C GLU A 136 38.60 -6.96 13.00
N ARG A 137 39.47 -6.94 12.00
CA ARG A 137 39.08 -6.60 10.63
C ARG A 137 39.22 -7.84 9.76
N ASP A 138 38.14 -8.21 9.09
CA ASP A 138 38.09 -9.37 8.22
C ASP A 138 37.82 -8.94 6.78
N ILE A 139 38.83 -9.08 5.93
CA ILE A 139 38.77 -8.65 4.55
C ILE A 139 38.73 -9.85 3.60
N SER A 140 38.42 -11.03 4.12
CA SER A 140 38.40 -12.25 3.33
C SER A 140 37.17 -12.27 2.44
N THR A 141 37.32 -12.81 1.25
CA THR A 141 36.22 -13.00 0.31
C THR A 141 35.89 -14.48 0.06
N GLU A 142 36.08 -15.32 1.07
CA GLU A 142 35.79 -16.74 0.91
C GLU A 142 34.28 -16.97 0.93
N ILE A 143 33.84 -17.95 0.13
CA ILE A 143 32.42 -18.21 -0.04
C ILE A 143 31.82 -18.77 1.24
N TYR A 144 30.66 -18.27 1.62
CA TYR A 144 29.99 -18.66 2.86
C TYR A 144 29.11 -19.87 2.60
N GLN A 145 29.30 -20.91 3.40
CA GLN A 145 28.57 -22.17 3.25
C GLN A 145 27.45 -22.22 4.28
N ALA A 146 26.21 -22.11 3.82
CA ALA A 146 25.04 -22.19 4.69
C ALA A 146 24.44 -23.58 4.75
N GLY A 147 24.86 -24.48 3.87
CA GLY A 147 24.29 -25.81 3.77
C GLY A 147 25.27 -26.87 4.22
N ASN A 148 25.20 -28.05 3.61
CA ASN A 148 26.04 -29.17 4.01
C ASN A 148 27.10 -29.53 2.98
N LYS A 149 26.80 -29.40 1.68
CA LYS A 149 27.79 -29.73 0.68
C LYS A 149 28.88 -28.65 0.65
N PRO A 150 30.11 -29.03 0.32
CA PRO A 150 31.17 -28.01 0.22
C PRO A 150 30.96 -27.08 -0.96
N CYS A 151 31.32 -25.81 -0.76
CA CYS A 151 31.09 -24.81 -1.80
C CYS A 151 32.14 -24.93 -2.90
N ASN A 152 33.38 -25.23 -2.51
CA ASN A 152 34.50 -25.37 -3.45
C ASN A 152 34.75 -24.08 -4.24
N GLY A 153 34.42 -22.93 -3.65
CA GLY A 153 34.68 -21.66 -4.27
C GLY A 153 33.68 -21.22 -5.31
N VAL A 154 32.62 -21.99 -5.55
CA VAL A 154 31.62 -21.67 -6.57
C VAL A 154 30.33 -21.26 -5.88
N ALA A 155 29.83 -20.07 -6.20
CA ALA A 155 28.64 -19.52 -5.55
C ALA A 155 27.37 -20.07 -6.21
N GLY A 156 27.09 -21.34 -5.92
CA GLY A 156 25.89 -21.97 -6.44
C GLY A 156 24.76 -22.03 -5.44
N PHE A 157 24.14 -23.20 -5.33
CA PHE A 157 23.06 -23.41 -4.36
C PHE A 157 23.64 -23.47 -2.96
N ASN A 158 23.02 -22.74 -2.03
CA ASN A 158 23.44 -22.69 -0.62
C ASN A 158 24.87 -22.18 -0.47
N CYS A 159 25.38 -21.47 -1.47
CA CYS A 159 26.68 -20.84 -1.43
C CYS A 159 26.52 -19.41 -1.91
N TYR A 160 26.80 -18.45 -1.02
CA TYR A 160 26.55 -17.06 -1.29
C TYR A 160 27.85 -16.26 -1.17
N PHE A 161 27.97 -15.22 -1.98
CA PHE A 161 29.06 -14.27 -1.82
C PHE A 161 28.83 -13.46 -0.55
N PRO A 162 29.77 -13.45 0.40
CA PRO A 162 29.45 -12.89 1.73
C PRO A 162 29.37 -11.37 1.78
N LEU A 163 29.73 -10.66 0.71
CA LEU A 163 29.82 -9.20 0.74
C LEU A 163 28.80 -8.59 -0.20
N ARG A 164 27.88 -7.80 0.35
CA ARG A 164 26.93 -7.11 -0.52
C ARG A 164 27.33 -5.63 -0.59
N SER A 165 26.53 -4.84 -1.30
CA SER A 165 26.82 -3.44 -1.52
C SER A 165 25.70 -2.52 -1.04
N TYR A 166 26.08 -1.39 -0.44
CA TYR A 166 25.12 -0.38 -0.03
C TYR A 166 24.87 0.52 -1.23
N SER A 167 23.67 0.44 -1.82
CA SER A 167 23.37 1.19 -3.04
C SER A 167 22.83 2.59 -2.70
N PHE A 168 23.74 3.44 -2.21
CA PHE A 168 23.33 4.76 -1.75
C PHE A 168 22.83 5.62 -2.90
N ARG A 169 21.64 6.18 -2.74
CA ARG A 169 21.00 7.11 -3.66
C ARG A 169 20.57 8.37 -2.93
N PRO A 170 20.58 9.53 -3.59
CA PRO A 170 20.26 10.78 -2.90
C PRO A 170 18.79 10.91 -2.52
N THR A 171 18.01 9.85 -2.75
CA THR A 171 16.56 9.89 -2.61
C THR A 171 16.09 8.89 -1.56
N TYR A 172 16.98 8.42 -0.71
CA TYR A 172 16.65 7.46 0.33
C TYR A 172 16.21 8.18 1.60
N GLY A 173 15.42 7.47 2.41
CA GLY A 173 15.03 7.98 3.71
C GLY A 173 16.21 8.23 4.64
N VAL A 174 15.92 8.77 5.83
CA VAL A 174 16.99 9.08 6.76
C VAL A 174 17.63 7.80 7.31
N GLY A 175 16.90 6.70 7.32
CA GLY A 175 17.45 5.44 7.78
C GLY A 175 18.30 4.71 6.77
N HIS A 176 18.34 5.20 5.53
CA HIS A 176 19.13 4.57 4.48
C HIS A 176 20.10 5.53 3.81
N GLN A 177 20.17 6.78 4.28
CA GLN A 177 21.17 7.71 3.77
C GLN A 177 22.55 7.35 4.32
N PRO A 178 23.61 7.65 3.58
CA PRO A 178 24.97 7.33 4.05
C PRO A 178 25.41 8.22 5.20
N TYR A 179 25.91 7.58 6.25
CA TYR A 179 26.45 8.24 7.44
C TYR A 179 27.93 7.90 7.54
N ARG A 180 28.77 8.93 7.55
CA ARG A 180 30.20 8.76 7.76
C ARG A 180 30.50 8.72 9.26
N VAL A 181 31.15 7.65 9.71
CA VAL A 181 31.40 7.41 11.13
C VAL A 181 32.90 7.32 11.36
N VAL A 182 33.38 8.11 12.34
CA VAL A 182 34.76 8.06 12.82
C VAL A 182 34.73 7.77 14.32
N VAL A 183 35.42 6.71 14.73
CA VAL A 183 35.45 6.28 16.13
C VAL A 183 36.84 6.55 16.66
N LEU A 184 36.93 7.42 17.67
CA LEU A 184 38.18 7.75 18.33
C LEU A 184 38.30 6.89 19.59
N SER A 185 39.37 6.12 19.67
CA SER A 185 39.70 5.27 20.81
C SER A 185 40.96 5.79 21.47
N PHE A 186 40.89 6.04 22.78
CA PHE A 186 41.98 6.62 23.54
C PHE A 186 42.59 5.55 24.41
N GLU A 187 43.89 5.32 24.27
CA GLU A 187 44.56 4.27 25.03
C GLU A 187 45.76 4.82 25.79
N LEU A 188 45.98 4.21 26.96
CA LEU A 188 47.09 4.51 27.87
C LEU A 188 48.00 3.31 27.99
N LEU A 189 49.30 3.56 27.86
CA LEU A 189 50.32 2.52 27.89
C LEU A 189 51.38 2.94 28.90
N HIS A 190 52.22 1.97 29.30
CA HIS A 190 53.32 2.27 30.19
C HIS A 190 54.24 3.36 29.64
N ALA A 191 54.20 3.61 28.33
CA ALA A 191 55.00 4.65 27.73
C ALA A 191 54.51 6.03 28.15
N PRO A 192 55.38 7.04 28.11
CA PRO A 192 54.96 8.42 28.43
C PRO A 192 53.94 8.94 27.43
N ALA A 193 52.77 9.31 27.94
CA ALA A 193 51.68 9.80 27.11
C ALA A 193 52.08 11.10 26.43
N THR A 194 52.05 11.10 25.10
CA THR A 194 52.52 12.23 24.31
C THR A 194 51.43 12.86 23.43
N VAL A 195 50.21 12.34 23.49
CA VAL A 195 49.06 12.91 22.80
C VAL A 195 48.24 13.63 23.86
N CYS A 196 48.37 14.95 23.93
CA CYS A 196 47.67 15.73 24.94
C CYS A 196 47.01 16.93 24.27
N GLY A 197 46.07 17.54 24.98
CA GLY A 197 45.41 18.71 24.46
C GLY A 197 46.20 19.96 24.79
N PRO A 198 45.78 21.11 24.26
CA PRO A 198 46.52 22.34 24.51
C PRO A 198 46.31 22.83 25.93
N LYS A 199 47.20 23.73 26.35
CA LYS A 199 47.15 24.34 27.67
C LYS A 199 46.91 25.83 27.49
N LYS A 200 46.08 26.42 28.36
CA LYS A 200 45.73 27.81 28.20
C LYS A 200 46.70 28.71 28.95
N SER A 201 46.95 29.89 28.39
CA SER A 201 47.94 30.82 28.90
C SER A 201 47.53 31.38 30.25
N SER B 1 23.13 -25.19 10.12
CA SER B 1 23.27 -26.62 9.89
C SER B 1 21.92 -27.26 9.57
N THR B 2 20.86 -26.77 10.19
CA THR B 2 19.53 -27.29 9.94
C THR B 2 18.91 -26.62 8.70
N ILE B 3 17.72 -27.09 8.33
CA ILE B 3 17.02 -26.54 7.17
C ILE B 3 16.54 -25.11 7.43
N GLU B 4 16.15 -24.81 8.68
CA GLU B 4 15.57 -23.50 8.97
C GLU B 4 16.60 -22.39 8.87
N GLU B 5 17.83 -22.65 9.31
CA GLU B 5 18.87 -21.64 9.14
C GLU B 5 19.26 -21.45 7.68
N GLN B 6 19.22 -22.53 6.89
CA GLN B 6 19.42 -22.39 5.46
C GLN B 6 18.34 -21.51 4.83
N ALA B 7 17.09 -21.69 5.28
CA ALA B 7 16.00 -20.87 4.79
C ALA B 7 16.16 -19.42 5.21
N LYS B 8 16.64 -19.20 6.45
CA LYS B 8 16.84 -17.83 6.93
C LYS B 8 17.93 -17.11 6.15
N THR B 9 19.04 -17.79 5.87
CA THR B 9 20.10 -17.14 5.09
C THR B 9 19.65 -16.86 3.66
N PHE B 10 18.93 -17.82 3.06
CA PHE B 10 18.41 -17.59 1.71
C PHE B 10 17.43 -16.43 1.69
N LEU B 11 16.61 -16.31 2.73
CA LEU B 11 15.65 -15.22 2.80
C LEU B 11 16.33 -13.88 3.04
N ASP B 12 17.44 -13.87 3.78
CA ASP B 12 18.19 -12.63 3.95
C ASP B 12 18.77 -12.15 2.63
N LYS B 13 19.39 -13.07 1.88
CA LYS B 13 19.94 -12.72 0.55
C LYS B 13 18.79 -12.22 -0.34
N PHE B 14 17.65 -12.92 -0.33
CA PHE B 14 16.54 -12.55 -1.18
C PHE B 14 16.00 -11.19 -0.77
N ASN B 15 16.01 -10.87 0.52
CA ASN B 15 15.40 -9.63 0.95
C ASN B 15 16.26 -8.45 0.54
N HIS B 16 17.58 -8.61 0.61
CA HIS B 16 18.47 -7.53 0.18
C HIS B 16 18.37 -7.29 -1.33
N GLU B 17 18.71 -8.31 -2.11
CA GLU B 17 18.76 -8.07 -3.57
C GLU B 17 17.40 -7.63 -4.07
N ALA B 18 16.37 -7.66 -3.25
CA ALA B 18 15.02 -7.37 -3.78
C ALA B 18 14.63 -5.97 -3.37
N GLU B 19 15.01 -5.55 -2.19
CA GLU B 19 14.70 -4.15 -1.85
C GLU B 19 15.37 -3.27 -2.90
N ASP B 20 16.31 -3.82 -3.66
CA ASP B 20 17.07 -2.99 -4.62
C ASP B 20 16.56 -3.21 -6.03
N LEU B 21 16.20 -4.42 -6.42
CA LEU B 21 15.65 -4.55 -7.80
C LEU B 21 14.21 -4.06 -7.79
N PHE B 22 13.70 -3.61 -6.64
CA PHE B 22 12.34 -3.01 -6.59
C PHE B 22 12.49 -1.49 -6.63
N TYR B 23 13.31 -0.94 -5.74
CA TYR B 23 13.46 0.53 -5.69
C TYR B 23 13.97 1.02 -7.05
N GLN B 24 14.60 0.13 -7.82
CA GLN B 24 15.03 0.53 -9.17
C GLN B 24 13.83 0.42 -10.08
N SER B 25 12.98 -0.58 -9.85
CA SER B 25 11.76 -0.70 -10.63
C SER B 25 10.75 0.38 -10.28
N SER B 26 10.60 0.68 -8.99
CA SER B 26 9.62 1.67 -8.58
C SER B 26 10.06 3.07 -8.96
N LEU B 27 11.38 3.35 -8.91
CA LEU B 27 11.85 4.65 -9.34
C LEU B 27 11.64 4.83 -10.84
N ALA B 28 11.75 3.75 -11.61
CA ALA B 28 11.61 3.89 -13.06
C ALA B 28 10.14 4.02 -13.43
N SER B 29 9.27 3.29 -12.74
CA SER B 29 7.83 3.46 -12.95
C SER B 29 7.38 4.86 -12.53
N TRP B 30 7.94 5.40 -11.45
CA TRP B 30 7.63 6.76 -11.06
C TRP B 30 8.10 7.78 -12.10
N ASN B 31 9.30 7.59 -12.64
CA ASN B 31 9.79 8.52 -13.66
C ASN B 31 8.99 8.42 -14.94
N TYR B 32 8.45 7.24 -15.26
CA TYR B 32 7.54 7.14 -16.40
C TYR B 32 6.19 7.82 -16.11
N ASN B 33 5.64 7.63 -14.91
CA ASN B 33 4.28 8.07 -14.63
C ASN B 33 4.18 9.58 -14.49
N THR B 34 5.24 10.23 -14.00
CA THR B 34 5.27 11.69 -13.91
C THR B 34 5.83 12.35 -15.15
N ASN B 35 6.38 11.57 -16.10
CA ASN B 35 7.01 12.12 -17.30
C ASN B 35 6.86 11.07 -18.41
N ILE B 36 5.81 11.22 -19.21
CA ILE B 36 5.47 10.23 -20.24
C ILE B 36 6.32 10.48 -21.49
N THR B 37 7.47 9.81 -21.55
CA THR B 37 8.41 9.92 -22.65
C THR B 37 8.94 8.53 -22.95
N GLU B 38 9.31 8.30 -24.22
CA GLU B 38 9.55 6.94 -24.68
C GLU B 38 10.79 6.33 -24.02
N GLU B 39 11.76 7.16 -23.62
CA GLU B 39 12.89 6.61 -22.89
C GLU B 39 12.48 6.20 -21.48
N ASN B 40 11.51 6.91 -20.88
CA ASN B 40 10.94 6.45 -19.63
C ASN B 40 10.14 5.18 -19.83
N VAL B 41 9.52 5.02 -21.00
CA VAL B 41 8.77 3.80 -21.30
C VAL B 41 9.73 2.62 -21.35
N GLN B 42 10.85 2.77 -22.05
CA GLN B 42 11.79 1.65 -22.15
C GLN B 42 12.52 1.41 -20.83
N ASN B 43 12.73 2.46 -20.02
CA ASN B 43 13.29 2.25 -18.69
C ASN B 43 12.33 1.45 -17.81
N MET B 44 11.04 1.78 -17.85
CA MET B 44 10.09 1.00 -17.07
C MET B 44 10.02 -0.43 -17.58
N ASN B 45 10.09 -0.62 -18.90
CA ASN B 45 10.06 -1.98 -19.44
C ASN B 45 11.29 -2.79 -19.04
N ASN B 46 12.49 -2.20 -19.10
CA ASN B 46 13.67 -2.99 -18.75
C ASN B 46 13.68 -3.30 -17.26
N ALA B 47 13.17 -2.40 -16.43
CA ALA B 47 13.24 -2.66 -15.00
C ALA B 47 12.17 -3.65 -14.57
N GLY B 48 10.96 -3.53 -15.14
CA GLY B 48 9.95 -4.54 -14.92
C GLY B 48 10.40 -5.91 -15.37
N ASP B 49 11.08 -5.97 -16.53
CA ASP B 49 11.61 -7.25 -17.00
C ASP B 49 12.65 -7.82 -16.05
N LYS B 50 13.53 -6.96 -15.52
CA LYS B 50 14.58 -7.49 -14.65
C LYS B 50 14.02 -7.86 -13.30
N TRP B 51 12.85 -7.34 -12.95
CA TRP B 51 12.23 -7.62 -11.67
C TRP B 51 11.45 -8.92 -11.77
N SER B 52 10.75 -9.11 -12.90
CA SER B 52 10.00 -10.34 -13.08
C SER B 52 10.94 -11.52 -13.27
N ALA B 53 12.06 -11.31 -13.99
CA ALA B 53 13.05 -12.37 -14.11
C ALA B 53 13.73 -12.66 -12.77
N PHE B 54 13.95 -11.64 -11.94
CA PHE B 54 14.53 -11.87 -10.63
C PHE B 54 13.62 -12.70 -9.75
N LEU B 55 12.33 -12.36 -9.71
CA LEU B 55 11.41 -13.20 -8.92
C LEU B 55 11.20 -14.57 -9.54
N LYS B 56 11.33 -14.71 -10.86
CA LYS B 56 11.25 -16.04 -11.46
C LYS B 56 12.40 -16.92 -11.00
N GLU B 57 13.62 -16.41 -11.04
CA GLU B 57 14.76 -17.23 -10.64
C GLU B 57 14.79 -17.42 -9.13
N GLN B 58 14.34 -16.44 -8.35
CA GLN B 58 14.33 -16.63 -6.91
C GLN B 58 13.23 -17.58 -6.46
N SER B 59 12.10 -17.65 -7.17
CA SER B 59 11.12 -18.67 -6.83
C SER B 59 11.60 -20.05 -7.25
N THR B 60 12.34 -20.13 -8.36
CA THR B 60 12.95 -21.39 -8.76
C THR B 60 13.93 -21.88 -7.70
N LEU B 61 14.76 -20.97 -7.16
CA LEU B 61 15.67 -21.37 -6.10
C LEU B 61 14.97 -21.52 -4.74
N ALA B 62 13.78 -20.95 -4.58
CA ALA B 62 13.05 -21.00 -3.32
C ALA B 62 12.24 -22.27 -3.17
N GLN B 63 11.92 -22.94 -4.28
CA GLN B 63 11.09 -24.13 -4.19
C GLN B 63 11.89 -25.38 -3.85
N MET B 64 13.20 -25.26 -3.63
CA MET B 64 14.02 -26.37 -3.16
C MET B 64 13.93 -26.60 -1.66
N TYR B 65 13.25 -25.73 -0.92
CA TYR B 65 13.06 -25.93 0.51
C TYR B 65 11.64 -26.39 0.80
N PRO B 66 11.42 -27.65 1.16
CA PRO B 66 10.07 -28.08 1.54
C PRO B 66 9.68 -27.40 2.84
N LEU B 67 8.37 -27.17 2.99
CA LEU B 67 7.81 -26.38 4.09
C LEU B 67 7.45 -27.18 5.32
N GLN B 68 7.31 -28.50 5.22
CA GLN B 68 6.79 -29.31 6.31
C GLN B 68 7.77 -29.46 7.47
N GLU B 69 9.04 -29.11 7.29
CA GLU B 69 10.01 -29.18 8.39
C GLU B 69 10.38 -27.81 8.96
N ILE B 70 9.62 -26.76 8.68
CA ILE B 70 9.89 -25.43 9.22
C ILE B 70 8.84 -25.11 10.28
N GLN B 71 9.30 -24.79 11.48
CA GLN B 71 8.44 -24.56 12.63
C GLN B 71 8.25 -23.08 12.93
N ASN B 72 9.18 -22.23 12.50
CA ASN B 72 9.03 -20.79 12.70
C ASN B 72 7.98 -20.27 11.72
N LEU B 73 7.03 -19.48 12.23
CA LEU B 73 5.91 -19.07 11.41
C LEU B 73 6.27 -17.97 10.42
N THR B 74 7.19 -17.08 10.77
CA THR B 74 7.55 -16.00 9.85
C THR B 74 8.33 -16.52 8.66
N VAL B 75 9.29 -17.43 8.90
CA VAL B 75 10.04 -18.02 7.80
C VAL B 75 9.13 -18.86 6.92
N LYS B 76 8.19 -19.60 7.52
CA LYS B 76 7.25 -20.38 6.74
C LYS B 76 6.35 -19.48 5.90
N LEU B 77 5.92 -18.35 6.46
CA LEU B 77 5.09 -17.42 5.70
C LEU B 77 5.85 -16.80 4.53
N GLN B 78 7.10 -16.39 4.78
CA GLN B 78 7.91 -15.82 3.71
C GLN B 78 8.20 -16.84 2.62
N LEU B 79 8.45 -18.11 3.00
CA LEU B 79 8.70 -19.12 1.97
C LEU B 79 7.43 -19.50 1.22
N GLN B 80 6.27 -19.47 1.89
CA GLN B 80 5.02 -19.70 1.20
C GLN B 80 4.70 -18.58 0.22
N ALA B 81 5.02 -17.34 0.58
CA ALA B 81 4.85 -16.23 -0.34
C ALA B 81 5.82 -16.31 -1.51
N LEU B 82 7.05 -16.78 -1.25
CA LEU B 82 8.06 -16.83 -2.29
C LEU B 82 7.86 -17.99 -3.26
N GLN B 83 7.37 -19.12 -2.78
CA GLN B 83 7.33 -20.33 -3.60
C GLN B 83 6.11 -20.40 -4.52
N GLN B 84 5.29 -19.35 -4.56
CA GLN B 84 4.10 -19.36 -5.40
C GLN B 84 4.55 -19.30 -6.86
N ASN B 85 4.11 -20.28 -7.66
CA ASN B 85 4.53 -20.38 -9.06
C ASN B 85 3.99 -19.23 -9.91
N GLY B 86 2.75 -18.83 -9.69
CA GLY B 86 2.13 -17.87 -10.60
C GLY B 86 1.81 -18.55 -11.91
N SER B 87 2.20 -17.91 -13.02
CA SER B 87 1.97 -18.47 -14.34
C SER B 87 3.10 -19.38 -14.80
N SER B 88 4.15 -19.57 -14.00
CA SER B 88 5.30 -20.35 -14.43
C SER B 88 5.07 -21.86 -14.39
N VAL B 89 4.00 -22.32 -13.75
CA VAL B 89 3.80 -23.77 -13.62
C VAL B 89 3.34 -24.40 -14.94
N LEU B 90 2.79 -23.62 -15.86
CA LEU B 90 2.31 -24.18 -17.12
C LEU B 90 3.49 -24.46 -18.05
N SER B 91 3.18 -25.01 -19.22
CA SER B 91 4.13 -25.02 -20.33
C SER B 91 4.29 -23.62 -20.90
N GLU B 92 5.38 -23.42 -21.63
CA GLU B 92 5.70 -22.08 -22.16
C GLU B 92 4.70 -21.63 -23.21
N ASP B 93 4.18 -22.56 -24.02
CA ASP B 93 3.21 -22.17 -25.04
C ASP B 93 1.88 -21.70 -24.43
N LYS B 94 1.39 -22.41 -23.41
CA LYS B 94 0.12 -22.00 -22.81
C LYS B 94 0.28 -20.71 -22.01
N SER B 95 1.43 -20.53 -21.36
CA SER B 95 1.69 -19.27 -20.66
C SER B 95 1.80 -18.11 -21.63
N LYS B 96 2.48 -18.30 -22.77
CA LYS B 96 2.57 -17.25 -23.77
C LYS B 96 1.20 -16.91 -24.36
N ARG B 97 0.37 -17.94 -24.58
CA ARG B 97 -0.99 -17.67 -25.08
C ARG B 97 -1.82 -16.93 -24.04
N LEU B 98 -1.64 -17.25 -22.76
CA LEU B 98 -2.36 -16.55 -21.71
C LEU B 98 -1.92 -15.08 -21.62
N ASN B 99 -0.62 -14.81 -21.72
CA ASN B 99 -0.17 -13.43 -21.70
C ASN B 99 -0.64 -12.67 -22.94
N THR B 100 -0.71 -13.35 -24.09
CA THR B 100 -1.26 -12.71 -25.28
C THR B 100 -2.74 -12.39 -25.09
N ILE B 101 -3.48 -13.31 -24.46
CA ILE B 101 -4.89 -13.09 -24.18
C ILE B 101 -5.08 -11.93 -23.23
N LEU B 102 -4.28 -11.85 -22.18
CA LEU B 102 -4.39 -10.75 -21.23
C LEU B 102 -4.05 -9.41 -21.88
N ASN B 103 -3.03 -9.40 -22.73
CA ASN B 103 -2.67 -8.18 -23.44
C ASN B 103 -3.77 -7.75 -24.40
N THR B 104 -4.41 -8.70 -25.08
CA THR B 104 -5.44 -8.30 -26.03
C THR B 104 -6.75 -7.94 -25.33
N MET B 105 -7.04 -8.50 -24.14
CA MET B 105 -8.12 -7.96 -23.33
C MET B 105 -7.83 -6.53 -22.90
N SER B 106 -6.59 -6.24 -22.50
CA SER B 106 -6.24 -4.88 -22.13
C SER B 106 -6.38 -3.91 -23.30
N THR B 107 -5.95 -4.33 -24.48
CA THR B 107 -6.04 -3.44 -25.64
C THR B 107 -7.46 -3.30 -26.16
N ILE B 108 -8.28 -4.35 -26.04
CA ILE B 108 -9.68 -4.23 -26.43
C ILE B 108 -10.44 -3.32 -25.48
N TYR B 109 -10.20 -3.44 -24.18
CA TYR B 109 -10.90 -2.58 -23.22
C TYR B 109 -10.41 -1.14 -23.31
N SER B 110 -9.11 -0.94 -23.53
CA SER B 110 -8.58 0.42 -23.57
C SER B 110 -8.95 1.14 -24.84
N THR B 111 -8.96 0.43 -25.98
CA THR B 111 -9.24 1.04 -27.27
C THR B 111 -10.62 0.69 -27.80
N GLY B 112 -11.55 0.33 -26.92
CA GLY B 112 -12.91 0.03 -27.31
C GLY B 112 -13.67 1.31 -27.63
N LYS B 113 -13.99 1.52 -28.90
CA LYS B 113 -14.72 2.72 -29.33
C LYS B 113 -16.08 2.33 -29.87
N VAL B 114 -17.13 2.91 -29.29
CA VAL B 114 -18.51 2.64 -29.65
C VAL B 114 -19.20 3.97 -29.87
N CYS B 115 -19.84 4.13 -31.02
CA CYS B 115 -20.44 5.41 -31.42
C CYS B 115 -21.75 5.16 -32.13
N ASN B 116 -22.36 6.25 -32.59
CA ASN B 116 -23.67 6.18 -33.21
C ASN B 116 -23.55 5.57 -34.60
N PRO B 117 -24.45 4.64 -34.97
CA PRO B 117 -24.53 4.24 -36.37
C PRO B 117 -24.92 5.40 -37.27
N ASP B 118 -24.45 5.35 -38.51
CA ASP B 118 -24.64 6.35 -39.56
C ASP B 118 -23.90 7.65 -39.29
N ASN B 119 -23.11 7.74 -38.21
CA ASN B 119 -22.25 8.89 -37.95
C ASN B 119 -20.84 8.39 -37.62
N PRO B 120 -20.11 7.91 -38.63
CA PRO B 120 -18.79 7.31 -38.38
C PRO B 120 -17.60 8.23 -38.57
N GLN B 121 -17.80 9.54 -38.77
CA GLN B 121 -16.68 10.40 -39.09
C GLN B 121 -15.79 10.63 -37.87
N GLU B 122 -16.36 10.57 -36.67
CA GLU B 122 -15.61 10.32 -35.45
C GLU B 122 -16.47 9.47 -34.54
N CYS B 123 -15.82 8.81 -33.58
CA CYS B 123 -16.54 7.98 -32.63
C CYS B 123 -16.00 8.22 -31.23
N LEU B 124 -16.75 7.73 -30.24
CA LEU B 124 -16.58 8.13 -28.85
C LEU B 124 -16.05 6.95 -28.04
N LEU B 125 -15.05 7.21 -27.21
CA LEU B 125 -14.43 6.19 -26.38
C LEU B 125 -15.13 6.10 -25.02
N LEU B 126 -14.82 5.02 -24.30
CA LEU B 126 -15.54 4.70 -23.07
C LEU B 126 -15.18 5.66 -21.95
N GLU B 127 -13.89 5.77 -21.63
CA GLU B 127 -13.46 6.62 -20.52
C GLU B 127 -13.77 8.09 -20.73
N PRO B 128 -13.51 8.71 -21.89
CA PRO B 128 -13.93 10.09 -22.08
C PRO B 128 -15.44 10.28 -22.17
N GLY B 129 -16.10 9.48 -23.01
CA GLY B 129 -17.48 9.79 -23.37
C GLY B 129 -18.57 8.93 -22.78
N LEU B 130 -18.36 7.61 -22.71
CA LEU B 130 -19.42 6.73 -22.24
C LEU B 130 -19.68 6.92 -20.76
N ASN B 131 -18.63 7.23 -19.99
CA ASN B 131 -18.83 7.56 -18.58
C ASN B 131 -19.67 8.82 -18.43
N GLU B 132 -19.43 9.82 -19.29
CA GLU B 132 -20.18 11.06 -19.23
C GLU B 132 -21.63 10.84 -19.64
N ILE B 133 -21.87 10.02 -20.68
CA ILE B 133 -23.24 9.80 -21.13
C ILE B 133 -23.99 8.88 -20.16
N MET B 134 -23.27 8.07 -19.38
CA MET B 134 -23.92 7.25 -18.37
C MET B 134 -24.21 8.03 -17.10
N ALA B 135 -23.34 8.98 -16.76
CA ALA B 135 -23.47 9.72 -15.51
C ALA B 135 -24.31 10.99 -15.63
N ASN B 136 -24.41 11.59 -16.82
CA ASN B 136 -25.04 12.89 -16.96
C ASN B 136 -26.37 12.87 -17.70
N SER B 137 -26.63 11.89 -18.55
CA SER B 137 -27.84 11.92 -19.36
C SER B 137 -29.06 11.53 -18.54
N LEU B 138 -30.21 12.09 -18.93
CA LEU B 138 -31.50 11.78 -18.32
C LEU B 138 -32.46 11.15 -19.31
N ASP B 139 -31.97 10.72 -20.47
CA ASP B 139 -32.80 10.16 -21.54
C ASP B 139 -32.79 8.64 -21.47
N TYR B 140 -33.98 8.03 -21.51
CA TYR B 140 -34.08 6.60 -21.32
C TYR B 140 -33.52 5.85 -22.52
N ASN B 141 -33.94 6.24 -23.73
CA ASN B 141 -33.53 5.53 -24.93
C ASN B 141 -32.08 5.82 -25.29
N GLU B 142 -31.54 6.99 -24.91
CA GLU B 142 -30.13 7.28 -25.16
C GLU B 142 -29.24 6.38 -24.31
N ARG B 143 -29.55 6.27 -23.02
CA ARG B 143 -28.81 5.36 -22.16
C ARG B 143 -29.01 3.92 -22.60
N LEU B 144 -30.21 3.57 -23.06
CA LEU B 144 -30.44 2.22 -23.58
C LEU B 144 -29.58 1.94 -24.80
N TRP B 145 -29.48 2.91 -25.72
CA TRP B 145 -28.66 2.72 -26.91
C TRP B 145 -27.20 2.56 -26.56
N ALA B 146 -26.68 3.41 -25.67
CA ALA B 146 -25.27 3.31 -25.30
C ALA B 146 -24.99 2.00 -24.57
N TRP B 147 -25.87 1.63 -23.65
CA TRP B 147 -25.73 0.39 -22.87
C TRP B 147 -25.75 -0.84 -23.76
N GLU B 148 -26.78 -0.96 -24.61
CA GLU B 148 -26.91 -2.14 -25.44
C GLU B 148 -25.81 -2.21 -26.49
N SER B 149 -25.41 -1.07 -27.06
CA SER B 149 -24.38 -1.10 -28.09
C SER B 149 -23.02 -1.46 -27.51
N TRP B 150 -22.65 -0.87 -26.38
CA TRP B 150 -21.36 -1.20 -25.79
C TRP B 150 -21.31 -2.64 -25.31
N ARG B 151 -22.38 -3.09 -24.63
CA ARG B 151 -22.42 -4.49 -24.13
C ARG B 151 -22.43 -5.47 -25.31
N SER B 152 -23.13 -5.13 -26.41
CA SER B 152 -23.20 -6.04 -27.55
C SER B 152 -21.83 -6.17 -28.20
N GLU B 153 -21.17 -5.05 -28.48
CA GLU B 153 -19.87 -5.11 -29.14
C GLU B 153 -18.83 -5.79 -28.26
N VAL B 154 -18.73 -5.39 -26.99
CA VAL B 154 -17.71 -5.98 -26.13
C VAL B 154 -18.00 -7.46 -25.87
N GLY B 155 -19.27 -7.84 -25.73
CA GLY B 155 -19.57 -9.24 -25.54
C GLY B 155 -19.26 -10.09 -26.75
N LYS B 156 -19.56 -9.59 -27.95
CA LYS B 156 -19.23 -10.37 -29.14
C LYS B 156 -17.73 -10.43 -29.40
N GLN B 157 -16.99 -9.45 -28.88
CA GLN B 157 -15.51 -9.40 -29.13
C GLN B 157 -14.74 -9.97 -27.92
N LEU B 158 -15.44 -10.39 -26.86
CA LEU B 158 -14.77 -10.98 -25.71
C LEU B 158 -15.28 -12.35 -25.27
N ARG B 159 -16.40 -12.84 -25.82
CA ARG B 159 -16.92 -14.11 -25.29
C ARG B 159 -16.02 -15.30 -25.54
N PRO B 160 -15.50 -15.56 -26.75
CA PRO B 160 -14.56 -16.67 -26.90
C PRO B 160 -13.24 -16.45 -26.20
N LEU B 161 -12.84 -15.18 -26.03
CA LEU B 161 -11.65 -14.87 -25.27
C LEU B 161 -11.80 -15.29 -23.82
N TYR B 162 -12.95 -15.00 -23.21
CA TYR B 162 -13.20 -15.46 -21.85
C TYR B 162 -13.39 -16.98 -21.81
N GLU B 163 -13.92 -17.56 -22.89
CA GLU B 163 -14.08 -19.00 -22.95
C GLU B 163 -12.74 -19.71 -22.85
N GLU B 164 -11.72 -19.21 -23.57
CA GLU B 164 -10.40 -19.79 -23.41
C GLU B 164 -9.73 -19.36 -22.10
N TYR B 165 -10.03 -18.15 -21.62
CA TYR B 165 -9.38 -17.61 -20.44
C TYR B 165 -9.74 -18.41 -19.19
N VAL B 166 -11.01 -18.79 -19.06
CA VAL B 166 -11.44 -19.53 -17.88
C VAL B 166 -10.77 -20.91 -17.86
N VAL B 167 -10.60 -21.52 -19.04
CA VAL B 167 -9.99 -22.85 -19.09
C VAL B 167 -8.50 -22.75 -18.74
N LEU B 168 -7.80 -21.75 -19.27
CA LEU B 168 -6.38 -21.62 -18.95
C LEU B 168 -6.17 -21.30 -17.47
N LYS B 169 -7.00 -20.42 -16.89
CA LYS B 169 -6.83 -20.12 -15.48
C LYS B 169 -7.24 -21.28 -14.59
N ASN B 170 -8.24 -22.07 -15.01
CA ASN B 170 -8.61 -23.26 -14.27
C ASN B 170 -7.48 -24.29 -14.28
N GLU B 171 -6.84 -24.48 -15.43
CA GLU B 171 -5.68 -25.38 -15.48
C GLU B 171 -4.53 -24.87 -14.63
N MET B 172 -4.33 -23.55 -14.60
CA MET B 172 -3.28 -22.99 -13.74
C MET B 172 -3.57 -23.24 -12.27
N ALA B 173 -4.82 -23.05 -11.85
CA ALA B 173 -5.15 -23.22 -10.44
C ALA B 173 -5.13 -24.70 -10.04
N ARG B 174 -5.60 -25.59 -10.92
CA ARG B 174 -5.57 -27.01 -10.60
C ARG B 174 -4.15 -27.57 -10.65
N ALA B 175 -3.26 -26.94 -11.42
CA ALA B 175 -1.84 -27.28 -11.35
C ALA B 175 -1.17 -26.75 -10.10
N ASN B 176 -1.72 -25.71 -9.47
CA ASN B 176 -1.18 -25.11 -8.26
C ASN B 176 -1.77 -25.70 -6.98
N HIS B 177 -2.33 -26.91 -7.06
CA HIS B 177 -2.94 -27.58 -5.91
C HIS B 177 -4.07 -26.76 -5.31
N TYR B 178 -4.82 -26.08 -6.18
CA TYR B 178 -6.06 -25.41 -5.82
C TYR B 178 -7.23 -26.12 -6.49
N GLU B 179 -8.41 -25.96 -5.91
CA GLU B 179 -9.60 -26.59 -6.47
C GLU B 179 -9.99 -25.95 -7.78
N ASP B 180 -10.02 -24.62 -7.82
CA ASP B 180 -10.35 -23.87 -9.02
C ASP B 180 -9.65 -22.52 -8.92
N TYR B 181 -9.83 -21.69 -9.95
CA TYR B 181 -9.24 -20.35 -9.90
C TYR B 181 -9.92 -19.50 -8.85
N GLY B 182 -11.20 -19.77 -8.58
CA GLY B 182 -11.87 -19.14 -7.46
C GLY B 182 -11.24 -19.54 -6.14
N ASP B 183 -10.80 -20.81 -6.02
CA ASP B 183 -10.07 -21.21 -4.83
C ASP B 183 -8.73 -20.51 -4.74
N TYR B 184 -8.07 -20.26 -5.88
CA TYR B 184 -6.82 -19.51 -5.87
C TYR B 184 -7.04 -18.08 -5.39
N TRP B 185 -8.14 -17.46 -5.79
CA TRP B 185 -8.40 -16.10 -5.34
C TRP B 185 -8.88 -16.03 -3.89
N ARG B 186 -9.63 -17.04 -3.43
CA ARG B 186 -10.00 -17.06 -2.01
C ARG B 186 -8.84 -17.48 -1.12
N GLY B 187 -7.77 -18.02 -1.69
CA GLY B 187 -6.60 -18.39 -0.91
C GLY B 187 -5.85 -17.21 -0.29
N ASP B 188 -6.18 -15.99 -0.70
CA ASP B 188 -5.56 -14.82 -0.06
C ASP B 188 -6.04 -14.65 1.38
N TYR B 189 -7.25 -15.13 1.69
CA TYR B 189 -7.77 -15.05 3.05
C TYR B 189 -7.50 -16.30 3.87
N GLU B 190 -6.80 -17.28 3.31
CA GLU B 190 -6.55 -18.55 3.99
C GLU B 190 -5.49 -18.38 5.08
N VAL B 191 -5.78 -18.86 6.28
CA VAL B 191 -4.83 -18.88 7.37
C VAL B 191 -4.70 -20.32 7.85
N ASN B 192 -3.49 -20.84 7.83
CA ASN B 192 -3.19 -22.22 8.20
C ASN B 192 -2.06 -22.26 9.20
N GLY B 193 -2.19 -23.14 10.20
CA GLY B 193 -1.10 -23.42 11.13
C GLY B 193 -1.16 -22.69 12.45
N VAL B 194 -2.05 -21.71 12.59
CA VAL B 194 -2.17 -20.94 13.82
C VAL B 194 -3.40 -21.42 14.56
N ASP B 195 -3.22 -21.84 15.82
CA ASP B 195 -4.31 -22.41 16.59
C ASP B 195 -5.28 -21.32 17.03
N GLY B 196 -6.58 -21.58 16.84
CA GLY B 196 -7.63 -20.66 17.20
C GLY B 196 -7.93 -19.61 16.14
N TYR B 197 -6.92 -19.21 15.37
CA TYR B 197 -7.06 -18.20 14.32
C TYR B 197 -7.09 -18.81 12.92
N ASP B 198 -7.31 -20.11 12.82
CA ASP B 198 -7.26 -20.78 11.53
C ASP B 198 -8.45 -20.36 10.68
N TYR B 199 -8.18 -20.01 9.42
CA TYR B 199 -9.21 -19.60 8.49
C TYR B 199 -9.03 -20.31 7.16
N SER B 200 -10.09 -20.96 6.69
CA SER B 200 -10.05 -21.76 5.47
C SER B 200 -10.46 -20.91 4.27
N ARG B 201 -10.12 -21.42 3.09
CA ARG B 201 -10.56 -20.79 1.85
C ARG B 201 -12.07 -20.89 1.67
N GLY B 202 -12.67 -22.02 2.06
CA GLY B 202 -14.09 -22.22 1.83
C GLY B 202 -15.02 -21.46 2.74
N GLN B 203 -14.57 -21.05 3.93
CA GLN B 203 -15.51 -20.43 4.86
C GLN B 203 -15.90 -19.02 4.44
N LEU B 204 -15.08 -18.35 3.63
CA LEU B 204 -15.28 -16.93 3.41
C LEU B 204 -16.61 -16.68 2.70
N ILE B 205 -17.00 -17.60 1.81
CA ILE B 205 -18.21 -17.38 1.04
C ILE B 205 -19.42 -17.45 1.96
N GLU B 206 -19.42 -18.40 2.90
CA GLU B 206 -20.59 -18.43 3.78
C GLU B 206 -20.49 -17.29 4.76
N ASP B 207 -19.27 -16.85 5.09
CA ASP B 207 -19.13 -15.67 5.92
C ASP B 207 -19.72 -14.48 5.19
N VAL B 208 -19.46 -14.40 3.88
CA VAL B 208 -20.04 -13.31 3.10
C VAL B 208 -21.54 -13.45 3.07
N GLU B 209 -22.03 -14.69 2.96
CA GLU B 209 -23.47 -14.91 2.98
C GLU B 209 -24.02 -14.47 4.33
N HIS B 210 -23.30 -14.77 5.41
CA HIS B 210 -23.81 -14.40 6.72
C HIS B 210 -23.83 -12.90 6.87
N THR B 211 -22.88 -12.21 6.24
CA THR B 211 -22.96 -10.75 6.28
C THR B 211 -24.04 -10.24 5.33
N PHE B 212 -24.18 -10.86 4.16
CA PHE B 212 -25.11 -10.31 3.18
C PHE B 212 -26.55 -10.50 3.60
N GLU B 213 -26.82 -11.52 4.41
CA GLU B 213 -28.19 -11.71 4.89
C GLU B 213 -28.61 -10.55 5.78
N GLU B 214 -27.66 -9.92 6.47
CA GLU B 214 -28.01 -8.73 7.22
C GLU B 214 -27.79 -7.45 6.44
N ILE B 215 -27.01 -7.48 5.36
CA ILE B 215 -26.94 -6.35 4.45
C ILE B 215 -28.28 -6.14 3.74
N LYS B 216 -28.93 -7.25 3.36
CA LYS B 216 -30.04 -7.19 2.41
C LYS B 216 -31.22 -6.31 2.82
N PRO B 217 -31.65 -6.25 4.08
CA PRO B 217 -32.76 -5.34 4.40
C PRO B 217 -32.47 -3.86 4.24
N LEU B 218 -31.32 -3.37 4.70
CA LEU B 218 -31.02 -1.94 4.55
C LEU B 218 -30.97 -1.53 3.09
N TYR B 219 -30.33 -2.36 2.26
CA TYR B 219 -30.28 -2.05 0.84
C TYR B 219 -31.66 -2.05 0.24
N GLU B 220 -32.53 -2.93 0.74
CA GLU B 220 -33.88 -2.99 0.21
C GLU B 220 -34.59 -1.66 0.43
N HIS B 221 -34.43 -1.07 1.62
CA HIS B 221 -35.09 0.21 1.84
C HIS B 221 -34.50 1.26 0.92
N LEU B 222 -33.18 1.25 0.74
CA LEU B 222 -32.59 2.23 -0.16
C LEU B 222 -33.09 1.99 -1.57
N HIS B 223 -33.24 0.72 -1.94
CA HIS B 223 -33.73 0.43 -3.28
C HIS B 223 -35.13 0.98 -3.44
N ALA B 224 -35.97 0.81 -2.42
CA ALA B 224 -37.33 1.32 -2.55
C ALA B 224 -37.30 2.83 -2.68
N TYR B 225 -36.45 3.49 -1.90
CA TYR B 225 -36.41 4.95 -2.00
C TYR B 225 -35.90 5.36 -3.37
N VAL B 226 -34.88 4.65 -3.87
CA VAL B 226 -34.37 5.00 -5.19
C VAL B 226 -35.45 4.77 -6.22
N ARG B 227 -36.22 3.69 -6.04
CA ARG B 227 -37.30 3.41 -6.99
C ARG B 227 -38.31 4.53 -6.95
N ALA B 228 -38.62 5.03 -5.74
CA ALA B 228 -39.57 6.14 -5.65
C ALA B 228 -39.02 7.36 -6.35
N LYS B 229 -37.72 7.64 -6.17
CA LYS B 229 -37.17 8.80 -6.83
C LYS B 229 -37.08 8.57 -8.32
N LEU B 230 -36.86 7.32 -8.73
CA LEU B 230 -36.86 7.04 -10.15
C LEU B 230 -38.28 7.12 -10.70
N MET B 231 -39.28 6.91 -9.85
CA MET B 231 -40.65 7.19 -10.28
C MET B 231 -40.81 8.66 -10.60
N ASN B 232 -40.16 9.52 -9.83
CA ASN B 232 -40.10 10.93 -10.21
C ASN B 232 -39.32 11.14 -11.50
N ALA B 233 -38.24 10.38 -11.71
CA ALA B 233 -37.49 10.55 -12.96
C ALA B 233 -38.20 9.92 -14.15
N TYR B 234 -38.62 8.66 -14.03
CA TYR B 234 -39.26 7.97 -15.14
C TYR B 234 -40.67 7.52 -14.77
N PRO B 235 -41.72 8.10 -15.33
CA PRO B 235 -43.05 7.89 -14.75
C PRO B 235 -43.61 6.51 -15.05
N SER B 236 -43.54 6.08 -16.32
CA SER B 236 -44.22 4.89 -16.78
C SER B 236 -43.32 3.71 -17.08
N TYR B 237 -42.01 3.92 -17.26
CA TYR B 237 -41.15 2.87 -17.79
C TYR B 237 -40.70 1.86 -16.73
N ILE B 238 -40.62 2.29 -15.48
CA ILE B 238 -40.17 1.43 -14.38
C ILE B 238 -41.39 0.95 -13.62
N SER B 239 -41.41 -0.34 -13.28
CA SER B 239 -42.61 -0.77 -12.57
C SER B 239 -42.42 -0.63 -11.06
N PRO B 240 -43.49 -0.26 -10.35
CA PRO B 240 -43.42 -0.17 -8.89
C PRO B 240 -43.18 -1.49 -8.21
N ILE B 241 -43.65 -2.61 -8.77
CA ILE B 241 -43.51 -3.89 -8.09
C ILE B 241 -42.27 -4.65 -8.55
N GLY B 242 -41.63 -4.20 -9.62
CA GLY B 242 -40.56 -4.93 -10.25
C GLY B 242 -39.20 -4.37 -9.88
N CYS B 243 -38.17 -4.91 -10.54
CA CYS B 243 -36.78 -4.48 -10.22
C CYS B 243 -36.40 -3.30 -11.10
N LEU B 244 -35.23 -2.71 -10.83
CA LEU B 244 -34.76 -1.58 -11.61
C LEU B 244 -34.24 -2.02 -12.98
N PRO B 245 -34.51 -1.23 -14.03
CA PRO B 245 -33.84 -1.45 -15.31
C PRO B 245 -32.34 -1.19 -15.19
N ALA B 246 -31.56 -1.96 -15.93
CA ALA B 246 -30.12 -2.06 -15.67
C ALA B 246 -29.36 -0.82 -16.10
N HIS B 247 -29.82 -0.14 -17.15
CA HIS B 247 -29.12 1.01 -17.70
C HIS B 247 -29.55 2.32 -17.03
N LEU B 248 -30.14 2.25 -15.84
CA LEU B 248 -30.58 3.42 -15.10
C LEU B 248 -29.84 3.60 -13.78
N LEU B 249 -28.71 2.93 -13.60
CA LEU B 249 -28.02 2.92 -12.31
C LEU B 249 -26.97 4.01 -12.18
N GLY B 250 -26.85 4.90 -13.17
CA GLY B 250 -25.99 6.05 -13.08
C GLY B 250 -24.55 5.81 -13.52
N ASP B 251 -24.14 4.56 -13.63
CA ASP B 251 -22.84 4.18 -14.17
C ASP B 251 -23.06 3.25 -15.37
N MET B 252 -21.95 2.81 -15.97
CA MET B 252 -22.07 1.90 -17.10
C MET B 252 -22.55 0.51 -16.65
N TRP B 253 -22.17 0.10 -15.44
CA TRP B 253 -22.40 -1.24 -14.97
C TRP B 253 -23.27 -1.32 -13.72
N GLY B 254 -23.53 -0.18 -13.08
CA GLY B 254 -24.24 -0.17 -11.81
C GLY B 254 -23.37 -0.37 -10.59
N ARG B 255 -22.05 -0.21 -10.71
CA ARG B 255 -21.17 -0.42 -9.57
C ARG B 255 -21.35 0.67 -8.52
N PHE B 256 -21.39 1.94 -8.93
CA PHE B 256 -21.65 3.05 -8.01
C PHE B 256 -22.94 3.75 -8.39
N TRP B 257 -23.64 4.22 -7.35
CA TRP B 257 -24.89 4.96 -7.47
C TRP B 257 -24.72 6.45 -7.20
N THR B 258 -23.49 6.95 -7.13
CA THR B 258 -23.23 8.31 -6.67
C THR B 258 -23.64 9.37 -7.69
N ASN B 259 -23.96 8.98 -8.92
CA ASN B 259 -24.44 9.92 -9.93
C ASN B 259 -25.92 10.21 -9.82
N LEU B 260 -26.61 9.60 -8.86
CA LEU B 260 -28.04 9.79 -8.66
C LEU B 260 -28.37 10.77 -7.53
N TYR B 261 -27.38 11.54 -7.06
CA TYR B 261 -27.62 12.45 -5.95
C TYR B 261 -28.55 13.60 -6.32
N SER B 262 -28.49 14.05 -7.58
CA SER B 262 -29.43 15.09 -8.01
C SER B 262 -30.86 14.58 -8.05
N LEU B 263 -31.06 13.34 -8.50
CA LEU B 263 -32.41 12.79 -8.60
C LEU B 263 -32.93 12.28 -7.27
N THR B 264 -32.06 11.70 -6.43
CA THR B 264 -32.48 11.01 -5.22
C THR B 264 -32.16 11.80 -3.95
N VAL B 265 -32.20 13.12 -4.03
CA VAL B 265 -31.83 13.93 -2.87
C VAL B 265 -32.93 13.84 -1.81
N PRO B 266 -32.59 13.69 -0.53
CA PRO B 266 -33.63 13.68 0.51
C PRO B 266 -34.26 15.05 0.70
N PHE B 267 -33.41 16.08 0.82
CA PHE B 267 -33.81 17.45 1.11
C PHE B 267 -33.04 18.35 0.16
N GLY B 268 -33.66 18.66 -0.99
CA GLY B 268 -32.99 19.50 -1.98
C GLY B 268 -32.88 20.95 -1.59
N GLN B 269 -33.73 21.42 -0.69
CA GLN B 269 -33.66 22.82 -0.28
C GLN B 269 -32.45 23.08 0.61
N LYS B 270 -32.01 22.09 1.36
CA LYS B 270 -30.83 22.27 2.20
C LYS B 270 -29.56 22.32 1.34
N PRO B 271 -28.60 23.16 1.69
CA PRO B 271 -27.35 23.21 0.94
C PRO B 271 -26.48 22.00 1.27
N ASN B 272 -25.45 21.80 0.45
CA ASN B 272 -24.51 20.72 0.69
C ASN B 272 -23.37 21.28 1.55
N ILE B 273 -22.36 20.47 1.82
CA ILE B 273 -21.25 20.85 2.68
C ILE B 273 -20.01 21.07 1.83
N ASP B 274 -20.21 21.48 0.57
CA ASP B 274 -19.10 21.76 -0.32
C ASP B 274 -18.39 23.02 0.13
N VAL B 275 -17.10 22.91 0.40
CA VAL B 275 -16.29 23.99 0.95
C VAL B 275 -15.29 24.52 -0.09
N THR B 276 -15.55 24.33 -1.38
CA THR B 276 -14.62 24.79 -2.40
C THR B 276 -14.52 26.31 -2.42
N ASP B 277 -15.63 27.03 -2.21
CA ASP B 277 -15.59 28.48 -2.24
C ASP B 277 -14.74 29.05 -1.10
N ALA B 278 -14.75 28.40 0.06
CA ALA B 278 -13.91 28.87 1.16
C ALA B 278 -12.43 28.62 0.86
N MET B 279 -12.11 27.53 0.16
CA MET B 279 -10.72 27.29 -0.21
C MET B 279 -10.25 28.29 -1.26
N VAL B 280 -11.10 28.58 -2.25
CA VAL B 280 -10.65 29.42 -3.35
C VAL B 280 -10.64 30.90 -2.96
N ASP B 281 -11.49 31.31 -2.02
CA ASP B 281 -11.43 32.70 -1.57
C ASP B 281 -10.19 32.99 -0.74
N GLN B 282 -9.76 32.04 0.09
CA GLN B 282 -8.57 32.25 0.92
C GLN B 282 -7.29 31.74 0.27
N ALA B 283 -7.37 31.22 -0.96
CA ALA B 283 -6.21 30.75 -1.72
C ALA B 283 -5.47 29.65 -0.94
N TRP B 284 -6.15 28.53 -0.75
CA TRP B 284 -5.59 27.40 -0.02
C TRP B 284 -4.89 26.54 -1.06
N ASP B 285 -3.56 26.65 -1.17
CA ASP B 285 -2.85 25.84 -2.13
C ASP B 285 -2.62 24.42 -1.62
N ALA B 286 -2.20 23.55 -2.55
CA ALA B 286 -2.11 22.11 -2.29
C ALA B 286 -1.05 21.77 -1.26
N GLN B 287 0.06 22.52 -1.24
CA GLN B 287 1.10 22.27 -0.24
C GLN B 287 0.57 22.43 1.17
N ARG B 288 -0.25 23.44 1.42
CA ARG B 288 -0.71 23.61 2.79
C ARG B 288 -1.90 22.70 3.07
N ILE B 289 -2.60 22.25 2.02
CA ILE B 289 -3.59 21.19 2.19
C ILE B 289 -2.92 19.92 2.71
N PHE B 290 -1.79 19.54 2.11
CA PHE B 290 -1.07 18.38 2.63
C PHE B 290 -0.46 18.66 3.98
N LYS B 291 -0.10 19.92 4.27
CA LYS B 291 0.36 20.27 5.60
C LYS B 291 -0.76 20.12 6.63
N GLU B 292 -1.97 20.46 6.24
CA GLU B 292 -3.14 20.32 7.11
C GLU B 292 -3.48 18.84 7.34
N ALA B 293 -3.34 18.02 6.30
CA ALA B 293 -3.53 16.58 6.49
C ALA B 293 -2.47 16.00 7.41
N GLU B 294 -1.23 16.49 7.29
CA GLU B 294 -0.18 16.07 8.21
C GLU B 294 -0.47 16.53 9.63
N LYS B 295 -1.05 17.73 9.78
CA LYS B 295 -1.43 18.19 11.10
C LYS B 295 -2.53 17.33 11.70
N PHE B 296 -3.47 16.87 10.87
CA PHE B 296 -4.49 15.93 11.36
C PHE B 296 -3.85 14.62 11.80
N PHE B 297 -2.88 14.13 11.04
CA PHE B 297 -2.29 12.84 11.35
C PHE B 297 -1.36 12.90 12.56
N VAL B 298 -0.77 14.07 12.84
CA VAL B 298 -0.03 14.23 14.08
C VAL B 298 -0.95 14.62 15.22
N SER B 299 -2.16 15.09 14.93
CA SER B 299 -3.17 15.28 15.97
C SER B 299 -3.65 13.95 16.49
N VAL B 300 -3.76 12.96 15.61
CA VAL B 300 -4.23 11.63 16.04
C VAL B 300 -3.10 10.82 16.65
N GLY B 301 -1.85 11.24 16.47
CA GLY B 301 -0.70 10.62 17.10
C GLY B 301 0.24 9.88 16.16
N LEU B 302 -0.09 9.79 14.87
CA LEU B 302 0.81 9.12 13.93
C LEU B 302 2.00 10.01 13.59
N PRO B 303 3.13 9.43 13.21
CA PRO B 303 4.30 10.24 12.87
C PRO B 303 4.06 11.08 11.63
N ASN B 304 4.73 12.23 11.59
CA ASN B 304 4.55 13.16 10.48
C ASN B 304 5.36 12.73 9.26
N MET B 305 5.28 13.54 8.21
CA MET B 305 5.86 13.20 6.92
C MET B 305 7.37 13.35 6.95
N THR B 306 8.04 12.59 6.09
CA THR B 306 9.48 12.72 5.94
C THR B 306 9.79 13.97 5.11
N GLN B 307 11.04 14.43 5.19
CA GLN B 307 11.45 15.59 4.40
C GLN B 307 11.50 15.25 2.92
N GLY B 308 11.93 14.02 2.59
CA GLY B 308 11.93 13.59 1.21
C GLY B 308 10.55 13.43 0.62
N PHE B 309 9.54 13.22 1.46
CA PHE B 309 8.16 13.25 0.97
C PHE B 309 7.81 14.63 0.43
N TRP B 310 8.15 15.68 1.18
CA TRP B 310 7.84 17.04 0.73
C TRP B 310 8.74 17.45 -0.44
N GLU B 311 9.97 16.94 -0.47
CA GLU B 311 10.89 17.29 -1.55
C GLU B 311 10.51 16.62 -2.87
N ASN B 312 10.13 15.34 -2.83
CA ASN B 312 10.06 14.52 -4.03
C ASN B 312 8.65 14.31 -4.56
N SER B 313 7.62 14.53 -3.74
CA SER B 313 6.26 14.36 -4.22
C SER B 313 5.86 15.51 -5.14
N MET B 314 5.03 15.19 -6.13
CA MET B 314 4.49 16.17 -7.07
C MET B 314 3.01 16.33 -6.77
N LEU B 315 2.67 17.38 -6.03
CA LEU B 315 1.32 17.59 -5.54
C LEU B 315 0.51 18.51 -6.45
N THR B 316 1.07 18.90 -7.59
CA THR B 316 0.41 19.81 -8.52
C THR B 316 0.67 19.33 -9.94
N ASP B 317 -0.31 19.55 -10.81
CA ASP B 317 -0.12 19.24 -12.22
C ASP B 317 1.02 20.10 -12.77
N PRO B 318 2.01 19.51 -13.43
CA PRO B 318 3.24 20.26 -13.73
C PRO B 318 3.08 21.27 -14.86
N GLY B 319 2.26 20.99 -15.86
CA GLY B 319 2.08 21.92 -16.96
C GLY B 319 1.73 21.18 -18.23
N ASN B 320 1.65 21.96 -19.31
CA ASN B 320 1.30 21.41 -20.62
C ASN B 320 2.48 20.68 -21.27
N VAL B 321 3.71 21.11 -21.02
CA VAL B 321 4.86 20.52 -21.70
C VAL B 321 5.15 19.12 -21.18
N GLN B 322 4.85 18.85 -19.91
CA GLN B 322 5.08 17.54 -19.31
C GLN B 322 3.74 16.89 -19.03
N LYS B 323 3.51 15.71 -19.62
CA LYS B 323 2.26 14.98 -19.46
C LYS B 323 2.43 13.95 -18.35
N ALA B 324 1.41 13.85 -17.50
CA ALA B 324 1.45 12.94 -16.36
C ALA B 324 0.08 12.30 -16.16
N VAL B 325 0.08 11.14 -15.51
CA VAL B 325 -1.14 10.42 -15.20
C VAL B 325 -1.84 11.12 -14.05
N CYS B 326 -3.11 11.47 -14.25
CA CYS B 326 -3.87 12.25 -13.28
C CYS B 326 -4.50 11.40 -12.19
N HIS B 327 -4.29 10.08 -12.21
CA HIS B 327 -4.89 9.24 -11.19
C HIS B 327 -4.18 9.46 -9.86
N PRO B 328 -4.92 9.63 -8.75
CA PRO B 328 -4.28 9.82 -7.44
C PRO B 328 -3.68 8.50 -6.96
N THR B 329 -2.38 8.49 -6.72
CA THR B 329 -1.69 7.27 -6.34
C THR B 329 -0.66 7.55 -5.25
N ALA B 330 -0.64 6.69 -4.24
CA ALA B 330 0.39 6.75 -3.21
C ALA B 330 1.46 5.71 -3.52
N TRP B 331 2.72 6.14 -3.51
CA TRP B 331 3.86 5.34 -3.95
C TRP B 331 4.74 5.06 -2.75
N ASP B 332 5.01 3.78 -2.51
CA ASP B 332 6.00 3.33 -1.55
C ASP B 332 7.17 2.77 -2.36
N LEU B 333 8.19 3.60 -2.56
CA LEU B 333 9.27 3.20 -3.45
C LEU B 333 10.27 2.29 -2.77
N GLY B 334 10.25 2.24 -1.45
CA GLY B 334 11.19 1.46 -0.67
C GLY B 334 12.37 2.31 -0.24
N LYS B 335 13.15 1.76 0.68
CA LYS B 335 14.30 2.47 1.24
C LYS B 335 13.85 3.78 1.88
N GLY B 336 12.75 3.72 2.62
CA GLY B 336 12.21 4.90 3.29
C GLY B 336 11.73 6.01 2.39
N ASP B 337 11.45 5.72 1.12
CA ASP B 337 10.99 6.74 0.18
C ASP B 337 9.48 6.59 -0.03
N PHE B 338 8.74 7.66 0.30
CA PHE B 338 7.28 7.68 0.20
C PHE B 338 6.86 8.93 -0.55
N ARG B 339 6.03 8.76 -1.57
CA ARG B 339 5.62 9.88 -2.42
C ARG B 339 4.14 9.77 -2.72
N ILE B 340 3.51 10.88 -3.06
CA ILE B 340 2.14 10.87 -3.56
C ILE B 340 2.15 11.55 -4.93
N LEU B 341 1.68 10.83 -5.95
CA LEU B 341 1.46 11.41 -7.27
C LEU B 341 -0.02 11.80 -7.38
N MET B 342 -0.30 13.10 -7.33
CA MET B 342 -1.69 13.57 -7.37
C MET B 342 -1.68 14.98 -7.96
N CYS B 343 -2.48 15.17 -9.02
CA CYS B 343 -2.66 16.50 -9.61
C CYS B 343 -3.86 17.14 -8.92
N THR B 344 -3.56 17.88 -7.86
CA THR B 344 -4.57 18.42 -6.96
C THR B 344 -5.26 19.64 -7.57
N LYS B 345 -6.59 19.63 -7.53
CA LYS B 345 -7.37 20.84 -7.71
C LYS B 345 -7.88 21.30 -6.35
N VAL B 346 -8.24 22.58 -6.27
CA VAL B 346 -8.64 23.19 -4.99
C VAL B 346 -10.14 22.92 -4.84
N THR B 347 -10.46 21.73 -4.35
CA THR B 347 -11.83 21.32 -4.11
C THR B 347 -11.87 20.51 -2.81
N MET B 348 -13.09 20.29 -2.30
CA MET B 348 -13.25 19.43 -1.14
C MET B 348 -13.00 17.97 -1.45
N ASP B 349 -13.33 17.53 -2.68
CA ASP B 349 -13.13 16.13 -3.03
C ASP B 349 -11.64 15.79 -3.07
N ASP B 350 -10.83 16.70 -3.61
CA ASP B 350 -9.39 16.48 -3.60
C ASP B 350 -8.82 16.58 -2.21
N PHE B 351 -9.45 17.36 -1.33
CA PHE B 351 -9.05 17.40 0.07
C PHE B 351 -9.26 16.05 0.74
N LEU B 352 -10.43 15.44 0.52
CA LEU B 352 -10.68 14.12 1.08
C LEU B 352 -9.78 13.06 0.45
N THR B 353 -9.49 13.19 -0.84
CA THR B 353 -8.58 12.22 -1.46
C THR B 353 -7.15 12.38 -0.96
N ALA B 354 -6.75 13.62 -0.64
CA ALA B 354 -5.43 13.82 -0.05
C ALA B 354 -5.36 13.20 1.34
N HIS B 355 -6.45 13.30 2.12
CA HIS B 355 -6.48 12.58 3.39
C HIS B 355 -6.43 11.07 3.18
N HIS B 356 -7.11 10.58 2.16
CA HIS B 356 -7.11 9.15 1.86
C HIS B 356 -5.70 8.66 1.48
N GLU B 357 -5.02 9.40 0.61
CA GLU B 357 -3.71 8.97 0.17
C GLU B 357 -2.65 9.16 1.25
N MET B 358 -2.83 10.14 2.14
CA MET B 358 -1.87 10.22 3.25
C MET B 358 -2.13 9.12 4.27
N GLY B 359 -3.38 8.65 4.39
CA GLY B 359 -3.62 7.45 5.17
C GLY B 359 -2.98 6.21 4.56
N HIS B 360 -3.04 6.12 3.23
CA HIS B 360 -2.29 5.09 2.52
C HIS B 360 -0.80 5.16 2.82
N ILE B 361 -0.24 6.38 2.81
CA ILE B 361 1.19 6.54 3.02
C ILE B 361 1.56 6.19 4.47
N GLN B 362 0.69 6.54 5.42
CA GLN B 362 0.95 6.17 6.81
C GLN B 362 0.89 4.66 7.00
N TYR B 363 -0.05 3.99 6.33
CA TYR B 363 -0.09 2.53 6.38
C TYR B 363 1.16 1.92 5.78
N ASP B 364 1.66 2.48 4.68
CA ASP B 364 2.91 1.97 4.11
C ASP B 364 4.09 2.27 5.00
N MET B 365 4.05 3.39 5.73
CA MET B 365 5.15 3.81 6.58
C MET B 365 5.26 2.95 7.84
N ALA B 366 4.12 2.46 8.35
CA ALA B 366 4.15 1.80 9.65
C ALA B 366 4.80 0.42 9.58
N TYR B 367 4.60 -0.34 8.50
CA TYR B 367 5.20 -1.66 8.41
C TYR B 367 6.55 -1.65 7.69
N ALA B 368 7.29 -0.55 7.76
CA ALA B 368 8.61 -0.49 7.14
C ALA B 368 9.63 -1.35 7.87
N ALA B 369 9.43 -1.63 9.16
CA ALA B 369 10.34 -2.48 9.92
C ALA B 369 10.18 -3.96 9.60
N GLN B 370 9.11 -4.36 8.91
CA GLN B 370 8.92 -5.76 8.57
C GLN B 370 9.89 -6.19 7.48
N PRO B 371 10.12 -7.49 7.34
CA PRO B 371 10.84 -7.99 6.16
C PRO B 371 10.08 -7.70 4.88
N PHE B 372 10.81 -7.74 3.76
CA PHE B 372 10.30 -7.21 2.51
C PHE B 372 9.07 -7.99 2.03
N LEU B 373 9.08 -9.31 2.17
CA LEU B 373 7.99 -10.11 1.68
C LEU B 373 6.77 -10.08 2.60
N LEU B 374 6.90 -9.50 3.79
CA LEU B 374 5.78 -9.31 4.70
C LEU B 374 5.29 -7.86 4.72
N ARG B 375 5.80 -7.02 3.82
CA ARG B 375 5.43 -5.60 3.77
C ARG B 375 4.17 -5.42 2.92
N ASN B 376 3.04 -5.80 3.51
CA ASN B 376 1.75 -5.65 2.86
C ASN B 376 0.66 -5.55 3.92
N GLY B 377 -0.58 -5.35 3.47
CA GLY B 377 -1.71 -5.49 4.35
C GLY B 377 -1.94 -6.93 4.77
N ALA B 378 -2.62 -7.10 5.90
CA ALA B 378 -2.86 -8.45 6.40
C ALA B 378 -3.81 -9.22 5.50
N ASN B 379 -4.75 -8.54 4.85
CA ASN B 379 -5.42 -9.03 3.67
C ASN B 379 -5.55 -7.88 2.69
N GLU B 380 -6.21 -8.14 1.56
CA GLU B 380 -6.30 -7.12 0.52
C GLU B 380 -7.27 -6.00 0.85
N GLY B 381 -8.12 -6.19 1.86
CA GLY B 381 -9.06 -5.13 2.23
C GLY B 381 -8.50 -4.07 3.15
N PHE B 382 -7.51 -4.43 3.99
CA PHE B 382 -7.06 -3.53 5.04
C PHE B 382 -6.39 -2.28 4.49
N HIS B 383 -5.62 -2.42 3.40
CA HIS B 383 -4.84 -1.30 2.90
C HIS B 383 -5.74 -0.17 2.42
N GLU B 384 -6.82 -0.50 1.70
CA GLU B 384 -7.77 0.52 1.30
C GLU B 384 -8.71 0.91 2.43
N ALA B 385 -8.97 -0.01 3.38
CA ALA B 385 -9.88 0.30 4.47
C ALA B 385 -9.29 1.38 5.39
N VAL B 386 -7.99 1.31 5.63
CA VAL B 386 -7.35 2.30 6.51
C VAL B 386 -7.23 3.66 5.87
N GLY B 387 -7.42 3.77 4.55
CA GLY B 387 -7.49 5.06 3.91
C GLY B 387 -8.92 5.56 3.87
N GLU B 388 -9.86 4.63 3.71
CA GLU B 388 -11.26 5.04 3.67
C GLU B 388 -11.76 5.47 5.05
N ILE B 389 -11.15 4.98 6.13
CA ILE B 389 -11.53 5.49 7.44
C ILE B 389 -11.05 6.92 7.62
N MET B 390 -9.89 7.27 7.06
CA MET B 390 -9.44 8.66 7.08
C MET B 390 -10.33 9.54 6.23
N SER B 391 -10.78 9.04 5.07
CA SER B 391 -11.73 9.79 4.26
C SER B 391 -13.06 9.96 4.98
N LEU B 392 -13.43 9.00 5.83
CA LEU B 392 -14.63 9.14 6.65
C LEU B 392 -14.44 10.22 7.70
N SER B 393 -13.31 10.18 8.40
CA SER B 393 -13.11 11.07 9.55
C SER B 393 -12.85 12.51 9.12
N ALA B 394 -12.22 12.72 7.97
CA ALA B 394 -11.92 14.08 7.52
C ALA B 394 -13.14 14.81 6.99
N ALA B 395 -14.19 14.08 6.62
CA ALA B 395 -15.40 14.65 6.03
C ALA B 395 -16.42 15.11 7.06
N THR B 396 -16.16 14.90 8.35
CA THR B 396 -17.12 15.28 9.37
C THR B 396 -17.19 16.80 9.51
N PRO B 397 -18.35 17.34 9.85
CA PRO B 397 -18.45 18.80 10.10
C PRO B 397 -17.61 19.28 11.27
N LYS B 398 -17.38 18.44 12.27
CA LYS B 398 -16.56 18.85 13.41
C LYS B 398 -15.12 19.11 12.98
N HIS B 399 -14.57 18.26 12.12
CA HIS B 399 -13.20 18.48 11.67
C HIS B 399 -13.09 19.71 10.78
N LEU B 400 -14.11 20.00 9.99
CA LEU B 400 -14.08 21.19 9.14
C LEU B 400 -14.27 22.47 9.94
N LYS B 401 -15.03 22.40 11.04
CA LYS B 401 -15.09 23.54 11.96
C LYS B 401 -13.80 23.70 12.76
N SER B 402 -13.08 22.60 12.99
CA SER B 402 -11.84 22.70 13.76
C SER B 402 -10.75 23.41 12.99
N ILE B 403 -10.64 23.14 11.69
CA ILE B 403 -9.56 23.67 10.87
C ILE B 403 -9.97 24.91 10.07
N GLY B 404 -11.16 25.46 10.32
CA GLY B 404 -11.50 26.73 9.74
C GLY B 404 -12.16 26.68 8.38
N LEU B 405 -12.36 25.49 7.80
CA LEU B 405 -13.04 25.40 6.53
C LEU B 405 -14.54 25.66 6.66
N LEU B 406 -15.14 25.29 7.79
CA LEU B 406 -16.57 25.46 8.00
C LEU B 406 -16.80 26.54 9.06
N SER B 407 -17.82 27.37 8.82
CA SER B 407 -18.08 28.51 9.67
C SER B 407 -18.56 28.05 11.05
N PRO B 408 -18.20 28.79 12.11
CA PRO B 408 -18.70 28.46 13.45
C PRO B 408 -20.19 28.69 13.64
N ASP B 409 -20.85 29.42 12.73
CA ASP B 409 -22.29 29.62 12.81
C ASP B 409 -23.08 28.61 11.99
N PHE B 410 -22.47 27.50 11.61
CA PHE B 410 -23.16 26.47 10.84
C PHE B 410 -24.07 25.66 11.75
N GLN B 411 -25.32 25.47 11.32
CA GLN B 411 -26.31 24.71 12.06
C GLN B 411 -26.32 23.26 11.57
N GLU B 412 -26.00 22.32 12.46
CA GLU B 412 -26.00 20.90 12.09
C GLU B 412 -27.31 20.27 12.56
N ASP B 413 -28.33 20.32 11.71
CA ASP B 413 -29.60 19.68 12.03
C ASP B 413 -29.61 18.26 11.47
N ASN B 414 -30.71 17.53 11.72
CA ASN B 414 -30.76 16.13 11.31
C ASN B 414 -30.95 15.96 9.81
N GLU B 415 -31.48 16.97 9.12
CA GLU B 415 -31.77 16.82 7.69
C GLU B 415 -30.50 16.77 6.85
N THR B 416 -29.51 17.62 7.15
CA THR B 416 -28.26 17.53 6.40
C THR B 416 -27.50 16.27 6.75
N GLU B 417 -27.69 15.74 7.96
CA GLU B 417 -27.10 14.45 8.30
C GLU B 417 -27.77 13.34 7.50
N ILE B 418 -29.09 13.44 7.30
CA ILE B 418 -29.81 12.45 6.52
C ILE B 418 -29.37 12.47 5.06
N ASN B 419 -29.21 13.65 4.48
CA ASN B 419 -28.82 13.68 3.07
C ASN B 419 -27.34 13.33 2.87
N PHE B 420 -26.49 13.66 3.83
CA PHE B 420 -25.10 13.19 3.79
C PHE B 420 -25.05 11.66 3.90
N LEU B 421 -25.85 11.10 4.81
CA LEU B 421 -25.87 9.65 4.95
C LEU B 421 -26.46 8.96 3.73
N LEU B 422 -27.39 9.62 3.02
CA LEU B 422 -27.91 9.00 1.80
C LEU B 422 -26.89 9.06 0.67
N LYS B 423 -26.12 10.15 0.59
CA LYS B 423 -25.01 10.18 -0.36
C LYS B 423 -23.99 9.07 -0.04
N GLN B 424 -23.66 8.89 1.24
CA GLN B 424 -22.74 7.83 1.61
C GLN B 424 -23.34 6.46 1.38
N ALA B 425 -24.66 6.31 1.48
CA ALA B 425 -25.28 5.02 1.21
C ALA B 425 -25.28 4.71 -0.27
N LEU B 426 -25.50 5.73 -1.11
CA LEU B 426 -25.47 5.51 -2.54
C LEU B 426 -24.05 5.19 -3.00
N THR B 427 -23.05 5.70 -2.28
CA THR B 427 -21.68 5.32 -2.60
C THR B 427 -21.33 3.92 -2.09
N ILE B 428 -21.80 3.53 -0.90
CA ILE B 428 -21.24 2.41 -0.17
C ILE B 428 -22.15 1.17 -0.16
N VAL B 429 -23.41 1.33 0.26
CA VAL B 429 -24.28 0.16 0.33
C VAL B 429 -24.73 -0.30 -1.06
N GLY B 430 -24.79 0.62 -2.03
CA GLY B 430 -25.23 0.25 -3.36
C GLY B 430 -24.28 -0.69 -4.07
N THR B 431 -22.98 -0.58 -3.81
CA THR B 431 -22.00 -1.41 -4.50
C THR B 431 -21.84 -2.78 -3.88
N LEU B 432 -22.34 -3.00 -2.66
CA LEU B 432 -22.13 -4.28 -2.00
C LEU B 432 -22.85 -5.44 -2.69
N PRO B 433 -24.13 -5.35 -3.05
CA PRO B 433 -24.76 -6.50 -3.72
C PRO B 433 -24.24 -6.74 -5.12
N PHE B 434 -23.86 -5.70 -5.86
CA PHE B 434 -23.25 -5.91 -7.17
C PHE B 434 -21.93 -6.65 -7.02
N THR B 435 -21.11 -6.27 -6.04
CA THR B 435 -19.82 -6.92 -5.83
C THR B 435 -19.99 -8.36 -5.40
N TYR B 436 -20.90 -8.62 -4.45
CA TYR B 436 -21.09 -9.99 -4.00
C TYR B 436 -21.67 -10.86 -5.13
N MET B 437 -22.60 -10.31 -5.91
CA MET B 437 -23.16 -11.05 -7.04
C MET B 437 -22.08 -11.37 -8.07
N LEU B 438 -21.26 -10.38 -8.43
CA LEU B 438 -20.24 -10.61 -9.45
C LEU B 438 -19.21 -11.62 -8.99
N GLU B 439 -18.76 -11.51 -7.73
CA GLU B 439 -17.78 -12.45 -7.24
C GLU B 439 -18.35 -13.85 -7.07
N LYS B 440 -19.62 -13.97 -6.68
CA LYS B 440 -20.18 -15.31 -6.49
C LYS B 440 -20.51 -15.96 -7.83
N TRP B 441 -20.91 -15.17 -8.84
CA TRP B 441 -21.04 -15.68 -10.20
C TRP B 441 -19.70 -16.14 -10.75
N ARG B 442 -18.65 -15.35 -10.54
CA ARG B 442 -17.34 -15.74 -11.03
C ARG B 442 -16.82 -16.98 -10.30
N TRP B 443 -17.12 -17.09 -9.00
CA TRP B 443 -16.73 -18.29 -8.26
C TRP B 443 -17.46 -19.52 -8.79
N MET B 444 -18.74 -19.40 -9.12
CA MET B 444 -19.42 -20.59 -9.63
C MET B 444 -19.00 -20.90 -11.06
N VAL B 445 -18.66 -19.89 -11.86
CA VAL B 445 -18.25 -20.20 -13.22
C VAL B 445 -16.84 -20.77 -13.25
N PHE B 446 -15.99 -20.43 -12.27
CA PHE B 446 -14.70 -21.10 -12.16
C PHE B 446 -14.84 -22.49 -11.56
N LYS B 447 -15.81 -22.67 -10.66
CA LYS B 447 -16.03 -23.97 -10.05
C LYS B 447 -16.71 -24.95 -11.00
N GLY B 448 -17.35 -24.46 -12.06
CA GLY B 448 -18.12 -25.30 -12.94
C GLY B 448 -19.54 -25.60 -12.49
N GLU B 449 -20.03 -24.92 -11.46
CA GLU B 449 -21.42 -25.09 -11.06
C GLU B 449 -22.37 -24.57 -12.13
N ILE B 450 -22.00 -23.47 -12.78
CA ILE B 450 -22.78 -22.91 -13.87
C ILE B 450 -22.35 -23.60 -15.17
N PRO B 451 -23.27 -24.19 -15.92
CA PRO B 451 -22.90 -24.77 -17.21
C PRO B 451 -22.50 -23.70 -18.22
N LYS B 452 -21.80 -24.15 -19.26
CA LYS B 452 -21.17 -23.21 -20.20
C LYS B 452 -22.20 -22.49 -21.05
N ASP B 453 -23.30 -23.14 -21.41
CA ASP B 453 -24.32 -22.54 -22.25
C ASP B 453 -25.43 -21.87 -21.45
N GLN B 454 -25.26 -21.72 -20.14
CA GLN B 454 -26.27 -21.15 -19.27
C GLN B 454 -25.77 -19.91 -18.53
N TRP B 455 -24.70 -19.28 -19.03
CA TRP B 455 -24.06 -18.20 -18.28
C TRP B 455 -24.98 -16.99 -18.13
N MET B 456 -25.47 -16.46 -19.25
CA MET B 456 -26.23 -15.21 -19.20
C MET B 456 -27.54 -15.39 -18.46
N LYS B 457 -28.23 -16.50 -18.71
CA LYS B 457 -29.46 -16.77 -17.98
C LYS B 457 -29.18 -16.82 -16.49
N LYS B 458 -28.06 -17.44 -16.10
CA LYS B 458 -27.74 -17.45 -14.68
C LYS B 458 -27.33 -16.06 -14.21
N TRP B 459 -26.52 -15.36 -15.01
CA TRP B 459 -25.97 -14.10 -14.54
C TRP B 459 -27.06 -13.06 -14.34
N TRP B 460 -27.98 -12.98 -15.29
CA TRP B 460 -29.04 -11.99 -15.17
C TRP B 460 -29.97 -12.38 -14.03
N GLU B 461 -30.16 -13.68 -13.83
CA GLU B 461 -31.00 -14.12 -12.73
C GLU B 461 -30.35 -13.71 -11.41
N MET B 462 -29.04 -13.86 -11.34
CA MET B 462 -28.29 -13.40 -10.14
C MET B 462 -28.55 -11.90 -9.95
N LYS B 463 -28.44 -11.13 -11.03
CA LYS B 463 -28.65 -9.70 -10.92
C LYS B 463 -30.07 -9.40 -10.52
N ARG B 464 -31.01 -10.23 -11.01
CA ARG B 464 -32.38 -10.18 -10.53
C ARG B 464 -32.49 -10.65 -9.08
N GLU B 465 -31.73 -11.68 -8.70
CA GLU B 465 -31.96 -12.31 -7.41
C GLU B 465 -31.17 -11.64 -6.29
N ILE B 466 -29.98 -11.14 -6.58
CA ILE B 466 -29.12 -10.54 -5.56
C ILE B 466 -29.29 -9.04 -5.60
N VAL B 467 -28.98 -8.43 -6.74
CA VAL B 467 -28.95 -6.97 -6.84
C VAL B 467 -30.37 -6.43 -7.00
N GLY B 468 -31.28 -7.24 -7.54
CA GLY B 468 -32.63 -6.77 -7.82
C GLY B 468 -32.67 -5.85 -9.01
N VAL B 469 -31.91 -6.17 -10.05
CA VAL B 469 -31.87 -5.40 -11.28
C VAL B 469 -32.15 -6.33 -12.46
N VAL B 470 -33.13 -5.95 -13.28
CA VAL B 470 -33.53 -6.80 -14.44
C VAL B 470 -32.95 -6.23 -15.73
N GLU B 471 -32.59 -7.10 -16.67
CA GLU B 471 -32.06 -6.69 -17.95
C GLU B 471 -33.14 -6.01 -18.78
N PRO B 472 -32.76 -5.12 -19.70
CA PRO B 472 -33.73 -4.58 -20.66
C PRO B 472 -34.23 -5.63 -21.64
N VAL B 473 -33.32 -6.31 -22.32
CA VAL B 473 -33.69 -7.36 -23.26
C VAL B 473 -32.95 -8.64 -22.86
N PRO B 474 -33.49 -9.82 -23.18
CA PRO B 474 -32.73 -11.05 -22.93
C PRO B 474 -31.47 -11.13 -23.78
N HIS B 475 -30.44 -11.73 -23.19
CA HIS B 475 -29.15 -11.91 -23.83
C HIS B 475 -28.80 -13.39 -23.85
N ASP B 476 -28.40 -13.88 -25.01
CA ASP B 476 -27.96 -15.27 -25.16
C ASP B 476 -26.44 -15.34 -24.95
N GLU B 477 -25.87 -16.53 -25.18
CA GLU B 477 -24.47 -16.78 -24.85
C GLU B 477 -23.51 -16.24 -25.91
N THR B 478 -24.02 -15.54 -26.92
CA THR B 478 -23.15 -14.74 -27.78
C THR B 478 -22.61 -13.51 -27.07
N TYR B 479 -23.23 -13.11 -25.95
CA TYR B 479 -22.82 -11.92 -25.21
C TYR B 479 -22.00 -12.33 -24.00
N CYS B 480 -21.12 -11.42 -23.56
CA CYS B 480 -20.39 -11.57 -22.29
C CYS B 480 -20.54 -10.25 -21.54
N ASP B 481 -21.65 -10.12 -20.83
CA ASP B 481 -22.03 -8.92 -20.10
C ASP B 481 -21.22 -8.69 -18.82
N PRO B 482 -20.76 -9.74 -18.13
CA PRO B 482 -19.76 -9.51 -17.07
C PRO B 482 -18.48 -8.84 -17.55
N ALA B 483 -17.99 -9.20 -18.73
CA ALA B 483 -16.64 -8.81 -19.15
C ALA B 483 -16.52 -7.33 -19.46
N SER B 484 -17.60 -6.56 -19.41
CA SER B 484 -17.55 -5.12 -19.65
C SER B 484 -16.94 -4.33 -18.49
N LEU B 485 -16.66 -4.96 -17.35
CA LEU B 485 -16.08 -4.24 -16.23
C LEU B 485 -14.55 -4.31 -16.28
N PHE B 486 -13.92 -3.28 -15.71
CA PHE B 486 -12.48 -3.12 -15.81
C PHE B 486 -11.75 -4.25 -15.08
N HIS B 487 -12.22 -4.62 -13.89
CA HIS B 487 -11.49 -5.56 -13.05
C HIS B 487 -11.59 -7.00 -13.55
N VAL B 488 -12.77 -7.41 -14.00
CA VAL B 488 -12.94 -8.79 -14.47
C VAL B 488 -12.26 -9.00 -15.82
N SER B 489 -12.18 -7.97 -16.64
CA SER B 489 -11.55 -8.10 -17.95
C SER B 489 -10.04 -8.13 -17.88
N ASN B 490 -9.46 -7.63 -16.78
CA ASN B 490 -8.02 -7.49 -16.63
C ASN B 490 -7.50 -8.32 -15.45
N ASP B 491 -8.23 -9.37 -15.10
CA ASP B 491 -7.78 -10.38 -14.14
C ASP B 491 -7.50 -9.78 -12.76
N TYR B 492 -8.54 -9.21 -12.16
CA TYR B 492 -8.47 -8.60 -10.83
C TYR B 492 -9.48 -9.25 -9.90
N SER B 493 -9.06 -9.51 -8.65
CA SER B 493 -9.97 -9.98 -7.62
C SER B 493 -10.94 -8.87 -7.24
N PHE B 494 -12.21 -9.23 -7.02
CA PHE B 494 -13.25 -8.25 -6.78
C PHE B 494 -13.84 -8.25 -5.37
N ILE B 495 -13.58 -9.28 -4.56
CA ILE B 495 -14.16 -9.35 -3.21
C ILE B 495 -13.44 -8.43 -2.22
N ARG B 496 -12.32 -7.84 -2.64
CA ARG B 496 -11.60 -6.90 -1.79
C ARG B 496 -12.44 -5.67 -1.47
N TYR B 497 -13.34 -5.29 -2.38
CA TYR B 497 -14.19 -4.13 -2.11
C TYR B 497 -15.24 -4.45 -1.05
N TYR B 498 -15.80 -5.66 -1.08
CA TYR B 498 -16.73 -6.07 -0.05
C TYR B 498 -16.06 -6.12 1.32
N THR B 499 -14.88 -6.76 1.38
CA THR B 499 -14.20 -6.85 2.67
C THR B 499 -13.71 -5.48 3.15
N ARG B 500 -13.28 -4.63 2.22
CA ARG B 500 -12.85 -3.26 2.60
C ARG B 500 -14.06 -2.50 3.17
N THR B 501 -15.23 -2.61 2.53
CA THR B 501 -16.41 -1.89 3.00
C THR B 501 -16.81 -2.32 4.39
N LEU B 502 -16.72 -3.62 4.70
CA LEU B 502 -17.05 -4.03 6.06
C LEU B 502 -15.99 -3.59 7.07
N TYR B 503 -14.71 -3.76 6.72
CA TYR B 503 -13.63 -3.41 7.63
C TYR B 503 -13.57 -1.90 7.87
N GLN B 504 -14.05 -1.10 6.92
CA GLN B 504 -14.07 0.34 7.07
C GLN B 504 -14.93 0.75 8.28
N PHE B 505 -16.17 0.26 8.33
CA PHE B 505 -17.03 0.64 9.43
C PHE B 505 -16.67 -0.10 10.72
N GLN B 506 -16.09 -1.30 10.62
CA GLN B 506 -15.59 -1.95 11.83
C GLN B 506 -14.47 -1.12 12.48
N PHE B 507 -13.51 -0.67 11.66
CA PHE B 507 -12.44 0.19 12.16
C PHE B 507 -12.98 1.53 12.66
N GLN B 508 -14.02 2.06 12.01
CA GLN B 508 -14.57 3.33 12.45
C GLN B 508 -15.21 3.19 13.83
N GLU B 509 -15.96 2.11 14.05
CA GLU B 509 -16.51 1.88 15.38
C GLU B 509 -15.41 1.64 16.41
N ALA B 510 -14.36 0.92 16.05
CA ALA B 510 -13.28 0.65 17.01
C ALA B 510 -12.56 1.93 17.42
N LEU B 511 -12.30 2.83 16.46
CA LEU B 511 -11.65 4.10 16.80
C LEU B 511 -12.58 5.02 17.55
N CYS B 512 -13.88 5.01 17.25
CA CYS B 512 -14.77 5.95 17.93
C CYS B 512 -15.08 5.49 19.36
N GLN B 513 -15.11 4.18 19.62
CA GLN B 513 -15.11 3.73 21.01
C GLN B 513 -13.75 3.88 21.68
N ALA B 514 -12.66 3.91 20.90
CA ALA B 514 -11.36 4.22 21.48
C ALA B 514 -11.27 5.68 21.87
N ALA B 515 -11.86 6.56 21.07
CA ALA B 515 -11.80 8.00 21.29
C ALA B 515 -12.93 8.52 22.17
N LYS B 516 -13.79 7.64 22.68
CA LYS B 516 -14.89 8.01 23.57
C LYS B 516 -15.83 9.01 22.91
N HIS B 517 -16.46 8.56 21.82
CA HIS B 517 -17.48 9.35 21.13
C HIS B 517 -18.85 8.99 21.69
N GLU B 518 -19.60 9.99 22.10
CA GLU B 518 -20.85 9.77 22.83
C GLU B 518 -22.10 9.91 21.97
N GLY B 519 -21.95 10.03 20.65
CA GLY B 519 -23.09 10.17 19.78
C GLY B 519 -23.20 9.08 18.74
N PRO B 520 -23.92 9.37 17.66
CA PRO B 520 -23.94 8.45 16.51
C PRO B 520 -22.59 8.41 15.81
N LEU B 521 -22.41 7.35 15.03
CA LEU B 521 -21.09 7.07 14.46
C LEU B 521 -20.68 8.03 13.36
N HIS B 522 -21.66 8.55 12.59
CA HIS B 522 -21.26 9.39 11.46
C HIS B 522 -20.83 10.81 11.84
N LYS B 523 -21.07 11.20 13.09
CA LYS B 523 -20.65 12.54 13.57
C LYS B 523 -19.41 12.37 14.44
N CYS B 524 -18.63 11.30 14.23
CA CYS B 524 -17.49 11.07 15.11
C CYS B 524 -16.17 11.45 14.45
N ASP B 525 -15.28 12.04 15.25
CA ASP B 525 -13.93 12.42 14.83
C ASP B 525 -12.92 11.78 15.75
N ILE B 526 -11.85 11.24 15.18
CA ILE B 526 -10.75 10.65 15.93
C ILE B 526 -9.62 11.64 16.16
N SER B 527 -9.83 12.92 15.85
CA SER B 527 -8.79 13.91 16.04
C SER B 527 -8.54 14.16 17.53
N ASN B 528 -7.32 14.58 17.85
CA ASN B 528 -6.91 14.92 19.21
C ASN B 528 -7.06 13.76 20.19
N SER B 529 -7.05 12.52 19.70
CA SER B 529 -7.20 11.34 20.54
C SER B 529 -5.96 10.47 20.37
N THR B 530 -5.09 10.46 21.38
CA THR B 530 -3.86 9.69 21.29
C THR B 530 -4.08 8.21 21.49
N GLU B 531 -5.06 7.82 22.31
CA GLU B 531 -5.25 6.40 22.59
C GLU B 531 -5.80 5.67 21.37
N ALA B 532 -6.66 6.33 20.60
CA ALA B 532 -7.15 5.74 19.35
C ALA B 532 -6.02 5.62 18.32
N GLY B 533 -5.13 6.62 18.26
CA GLY B 533 -3.99 6.50 17.37
C GLY B 533 -3.05 5.40 17.77
N GLN B 534 -2.85 5.18 19.07
CA GLN B 534 -2.02 4.07 19.52
C GLN B 534 -2.68 2.73 19.21
N LYS B 535 -4.01 2.65 19.41
CA LYS B 535 -4.73 1.43 19.11
C LYS B 535 -4.66 1.10 17.62
N LEU B 536 -4.68 2.12 16.77
CA LEU B 536 -4.59 1.90 15.30
C LEU B 536 -3.16 1.51 14.93
N PHE B 537 -2.16 2.24 15.45
CA PHE B 537 -0.76 1.97 15.13
C PHE B 537 -0.30 0.62 15.65
N ASN B 538 -0.96 0.07 16.67
CA ASN B 538 -0.68 -1.31 17.05
C ASN B 538 -0.99 -2.29 15.93
N MET B 539 -2.02 -2.00 15.12
CA MET B 539 -2.33 -2.84 13.97
C MET B 539 -1.50 -2.47 12.75
N LEU B 540 -1.27 -1.18 12.53
CA LEU B 540 -0.47 -0.73 11.38
C LEU B 540 0.97 -1.23 11.46
N ARG B 541 1.51 -1.43 12.66
CA ARG B 541 2.90 -1.85 12.78
C ARG B 541 3.11 -3.32 12.48
N LEU B 542 2.05 -4.13 12.50
CA LEU B 542 2.21 -5.56 12.30
C LEU B 542 2.48 -5.90 10.83
N GLY B 543 1.77 -5.25 9.92
CA GLY B 543 1.88 -5.59 8.51
C GLY B 543 1.24 -6.93 8.21
N LYS B 544 1.96 -7.77 7.48
CA LYS B 544 1.49 -9.11 7.12
C LYS B 544 2.13 -10.20 7.97
N SER B 545 2.84 -9.85 9.04
CA SER B 545 3.54 -10.85 9.83
C SER B 545 2.58 -11.71 10.64
N GLU B 546 1.47 -11.14 11.07
CA GLU B 546 0.47 -11.84 11.86
C GLU B 546 -0.74 -12.17 11.01
N PRO B 547 -1.55 -13.15 11.41
CA PRO B 547 -2.83 -13.38 10.74
C PRO B 547 -3.75 -12.17 10.87
N TRP B 548 -4.59 -11.98 9.84
CA TRP B 548 -5.53 -10.87 9.82
C TRP B 548 -6.60 -11.02 10.89
N THR B 549 -6.88 -12.25 11.31
CA THR B 549 -7.77 -12.47 12.45
C THR B 549 -7.18 -11.90 13.74
N LEU B 550 -5.87 -12.05 13.93
CA LEU B 550 -5.25 -11.50 15.14
C LEU B 550 -5.22 -9.97 15.09
N ALA B 551 -4.99 -9.40 13.90
CA ALA B 551 -5.03 -7.94 13.78
C ALA B 551 -6.44 -7.41 14.00
N LEU B 552 -7.45 -8.13 13.50
CA LEU B 552 -8.84 -7.72 13.74
C LEU B 552 -9.19 -7.82 15.22
N GLU B 553 -8.74 -8.88 15.91
CA GLU B 553 -8.96 -8.95 17.35
C GLU B 553 -8.20 -7.86 18.10
N ASN B 554 -7.04 -7.45 17.58
CA ASN B 554 -6.31 -6.33 18.14
C ASN B 554 -7.05 -5.01 17.98
N VAL B 555 -7.77 -4.82 16.89
CA VAL B 555 -8.49 -3.55 16.70
C VAL B 555 -9.88 -3.58 17.30
N VAL B 556 -10.75 -4.45 16.79
CA VAL B 556 -12.17 -4.38 17.13
C VAL B 556 -12.56 -5.38 18.22
N GLY B 557 -11.61 -6.16 18.72
CA GLY B 557 -11.93 -7.16 19.72
C GLY B 557 -12.76 -8.32 19.20
N ALA B 558 -12.85 -8.48 17.89
CA ALA B 558 -13.49 -9.63 17.27
C ALA B 558 -12.56 -10.24 16.24
N LYS B 559 -12.69 -11.55 16.04
CA LYS B 559 -11.81 -12.31 15.17
C LYS B 559 -12.46 -12.66 13.84
N ASN B 560 -13.66 -12.16 13.58
CA ASN B 560 -14.40 -12.50 12.37
C ASN B 560 -15.09 -11.27 11.82
N MET B 561 -15.42 -11.34 10.52
CA MET B 561 -16.10 -10.26 9.85
C MET B 561 -17.44 -9.97 10.52
N ASN B 562 -17.71 -8.68 10.76
CA ASN B 562 -18.97 -8.26 11.37
C ASN B 562 -19.64 -7.19 10.51
N VAL B 563 -20.95 -7.32 10.33
CA VAL B 563 -21.75 -6.32 9.62
C VAL B 563 -22.45 -5.34 10.55
N ARG B 564 -22.50 -5.62 11.85
CA ARG B 564 -23.11 -4.70 12.81
C ARG B 564 -22.58 -3.27 12.76
N PRO B 565 -21.28 -3.00 12.58
CA PRO B 565 -20.85 -1.61 12.41
C PRO B 565 -21.47 -0.91 11.22
N LEU B 566 -21.70 -1.63 10.11
CA LEU B 566 -22.24 -0.97 8.93
C LEU B 566 -23.70 -0.58 9.12
N LEU B 567 -24.51 -1.45 9.72
CA LEU B 567 -25.89 -1.08 9.98
C LEU B 567 -26.02 -0.08 11.13
N ASN B 568 -25.07 -0.10 12.07
CA ASN B 568 -25.05 0.91 13.11
C ASN B 568 -24.66 2.28 12.58
N TYR B 569 -23.82 2.32 11.54
CA TYR B 569 -23.48 3.61 10.92
C TYR B 569 -24.70 4.23 10.25
N PHE B 570 -25.51 3.42 9.56
CA PHE B 570 -26.64 3.89 8.79
C PHE B 570 -27.96 3.78 9.54
N GLU B 571 -27.91 3.73 10.87
CA GLU B 571 -29.13 3.53 11.66
C GLU B 571 -30.14 4.66 11.50
N PRO B 572 -29.78 5.95 11.56
CA PRO B 572 -30.82 6.98 11.37
C PRO B 572 -31.31 7.04 9.94
N LEU B 573 -30.47 6.73 8.97
CA LEU B 573 -30.96 6.61 7.60
C LEU B 573 -31.88 5.40 7.48
N PHE B 574 -31.61 4.33 8.22
CA PHE B 574 -32.49 3.17 8.21
C PHE B 574 -33.85 3.49 8.80
N THR B 575 -33.90 4.22 9.92
CA THR B 575 -35.20 4.60 10.48
C THR B 575 -35.94 5.57 9.56
N TRP B 576 -35.22 6.50 8.92
CA TRP B 576 -35.85 7.42 7.98
C TRP B 576 -36.42 6.67 6.77
N LEU B 577 -35.67 5.70 6.26
CA LEU B 577 -36.17 4.92 5.12
C LEU B 577 -37.33 4.03 5.52
N LYS B 578 -37.35 3.52 6.76
CA LYS B 578 -38.52 2.83 7.25
C LYS B 578 -39.72 3.77 7.39
N ASP B 579 -39.47 5.03 7.74
CA ASP B 579 -40.56 5.99 7.87
C ASP B 579 -41.19 6.32 6.52
N GLN B 580 -40.37 6.57 5.49
CA GLN B 580 -40.90 7.03 4.21
C GLN B 580 -41.13 5.91 3.20
N ASN B 581 -41.00 4.65 3.60
CA ASN B 581 -41.34 3.52 2.74
C ASN B 581 -42.67 2.88 3.12
N LYS B 582 -43.54 3.63 3.80
CA LYS B 582 -44.83 3.08 4.22
C LYS B 582 -45.75 2.87 3.02
N ASN B 583 -45.81 3.85 2.11
CA ASN B 583 -46.65 3.74 0.93
C ASN B 583 -46.07 2.80 -0.11
N SER B 584 -44.75 2.79 -0.28
CA SER B 584 -44.15 1.94 -1.29
C SER B 584 -44.08 0.49 -0.81
N PHE B 585 -43.76 -0.40 -1.75
CA PHE B 585 -43.65 -1.83 -1.48
C PHE B 585 -42.18 -2.22 -1.34
N VAL B 586 -41.82 -2.70 -0.16
CA VAL B 586 -40.47 -3.20 0.11
C VAL B 586 -40.33 -4.60 -0.48
N GLY B 587 -39.17 -4.88 -1.08
CA GLY B 587 -38.94 -6.14 -1.76
C GLY B 587 -39.29 -6.08 -3.24
N TRP B 588 -38.87 -7.13 -3.95
CA TRP B 588 -39.07 -7.20 -5.39
C TRP B 588 -39.61 -8.58 -5.76
N SER B 589 -40.11 -8.67 -6.99
CA SER B 589 -40.55 -9.91 -7.60
C SER B 589 -39.61 -10.26 -8.75
N THR B 590 -39.42 -11.56 -8.98
CA THR B 590 -38.50 -12.01 -10.01
C THR B 590 -39.09 -11.97 -11.41
N ASP B 591 -40.33 -11.55 -11.57
CA ASP B 591 -40.89 -11.46 -12.92
C ASP B 591 -40.28 -10.27 -13.66
N TRP B 592 -40.41 -10.29 -14.98
CA TRP B 592 -39.84 -9.25 -15.84
C TRP B 592 -40.84 -8.12 -16.07
N SER B 593 -41.73 -7.89 -15.10
CA SER B 593 -42.79 -6.90 -15.22
C SER B 593 -42.33 -5.47 -15.51
N PRO B 594 -41.22 -4.96 -14.96
CA PRO B 594 -40.75 -3.65 -15.45
C PRO B 594 -40.35 -3.65 -16.91
N TYR B 595 -39.46 -4.53 -17.34
CA TYR B 595 -39.13 -4.61 -18.76
C TYR B 595 -38.53 -5.98 -19.06
C1 NAG C . 37.23 20.55 7.67
C2 NAG C . 38.20 21.17 8.68
C3 NAG C . 37.46 22.16 9.59
C4 NAG C . 36.68 23.17 8.76
C5 NAG C . 35.76 22.46 7.79
C6 NAG C . 35.03 23.40 6.86
C7 NAG C . 38.26 19.29 10.28
C8 NAG C . 39.15 18.32 11.01
N2 NAG C . 38.88 20.15 9.47
O3 NAG C . 38.40 22.83 10.42
O4 NAG C . 35.90 23.99 9.63
O5 NAG C . 36.54 21.59 6.94
O6 NAG C . 34.19 24.29 7.59
O7 NAG C . 37.05 19.27 10.44
C1 NAG D . 10.54 15.23 -18.57
C2 NAG D . 11.59 16.10 -17.88
C3 NAG D . 12.16 17.11 -18.88
C4 NAG D . 12.69 16.40 -20.11
C5 NAG D . 11.60 15.51 -20.72
C6 NAG D . 12.09 14.69 -21.88
C7 NAG D . 11.56 16.70 -15.51
C8 NAG D . 10.85 17.47 -14.43
N2 NAG D . 11.03 16.79 -16.73
O3 NAG D . 13.22 17.84 -18.25
O4 NAG D . 13.11 17.36 -21.08
O5 NAG D . 11.11 14.60 -19.74
O6 NAG D . 13.01 13.69 -21.45
O7 NAG D . 12.56 16.03 -15.28
C1 NAG E . 11.68 -16.70 13.67
C2 NAG E . 11.54 -16.63 15.20
C3 NAG E . 11.75 -15.19 15.68
C4 NAG E . 13.06 -14.64 15.15
C5 NAG E . 13.11 -14.77 13.63
C6 NAG E . 14.44 -14.32 13.04
C7 NAG E . 10.10 -17.92 16.71
C8 NAG E . 8.70 -18.34 17.02
N2 NAG E . 10.25 -17.13 15.64
O3 NAG E . 11.75 -15.17 17.11
O4 NAG E . 13.20 -13.27 15.51
O5 NAG E . 12.93 -16.14 13.26
O6 NAG E . 14.25 -13.55 11.87
O7 NAG E . 11.05 -18.28 17.39
C1 NAG F . 5.82 -24.89 -8.72
C2 NAG F . 5.45 -25.86 -7.59
C3 NAG F . 6.43 -27.04 -7.55
C4 NAG F . 6.52 -27.69 -8.92
C5 NAG F . 6.85 -26.66 -9.99
C6 NAG F . 6.84 -27.23 -11.40
C7 NAG F . 4.28 -24.85 -5.69
C8 NAG F . 4.42 -24.15 -4.38
N2 NAG F . 5.41 -25.18 -6.31
O3 NAG F . 6.01 -27.98 -6.58
O4 NAG F . 7.54 -28.70 -8.91
O5 NAG F . 5.89 -25.60 -9.96
O6 NAG F . 5.70 -28.05 -11.61
O7 NAG F . 3.17 -25.12 -6.17
C1 NAG G . 8.16 15.90 12.43
C2 NAG G . 8.98 17.04 11.82
C3 NAG G . 10.33 17.13 12.53
C4 NAG G . 10.14 17.28 14.03
C5 NAG G . 9.27 16.14 14.56
C6 NAG G . 8.93 16.30 16.03
C7 NAG G . 8.68 17.70 9.48
C8 NAG G . 8.96 17.35 8.05
N2 NAG G . 9.16 16.85 10.39
O3 NAG G . 11.04 18.25 12.02
O4 NAG G . 11.40 17.24 14.68
O5 NAG G . 8.02 16.11 13.85
O6 NAG G . 7.70 15.66 16.34
O7 NAG G . 8.05 18.70 9.79
C1 NAG H . -35.44 16.22 12.94
C2 NAG H . -36.54 15.28 12.44
C3 NAG H . -37.90 15.94 12.56
C4 NAG H . -38.14 16.43 13.97
C5 NAG H . -36.99 17.34 14.41
C6 NAG H . -37.10 17.78 15.85
C7 NAG H . -35.51 13.83 10.75
C8 NAG H . -35.36 13.54 9.29
N2 NAG H . -36.29 14.86 11.06
O3 NAG H . -38.91 15.00 12.19
O4 NAG H . -39.36 17.16 14.04
O5 NAG H . -35.75 16.64 14.28
O6 NAG H . -36.45 16.87 16.72
O7 NAG H . -34.94 13.14 11.60
C1 NAG I . -6.65 19.49 18.19
C2 NAG I . -7.88 20.39 18.17
C3 NAG I . -7.59 21.68 17.41
C4 NAG I . -6.35 22.37 17.97
C5 NAG I . -5.17 21.40 17.94
C6 NAG I . -3.93 21.97 18.57
C7 NAG I . -10.27 19.80 18.08
C8 NAG I . -11.33 19.03 17.35
N2 NAG I . -9.03 19.70 17.58
O3 NAG I . -8.71 22.56 17.50
O4 NAG I . -6.03 23.51 17.19
O5 NAG I . -5.50 20.22 18.69
O6 NAG I . -3.91 21.75 19.97
O7 NAG I . -10.52 20.47 19.07
#